data_3JBE
#
_entry.id   3JBE
#
_cell.length_a   1
_cell.length_b   1
_cell.length_c   1
_cell.angle_alpha   90
_cell.angle_beta   90
_cell.angle_gamma   90
#
_symmetry.space_group_name_H-M   'P 1'
#
loop_
_entity.id
_entity.type
_entity.pdbx_description
1 polymer 'Capsid protein VP1'
2 polymer 'Capsid protein VP2'
3 polymer 'Capsid protein VP3'
4 polymer 'Capsid protein VP4'
5 polymer 'nanobody VHH PVSS8A'
6 non-polymer 'PALMITIC ACID'
#
loop_
_entity_poly.entity_id
_entity_poly.type
_entity_poly.pdbx_seq_one_letter_code
_entity_poly.pdbx_strand_id
1 'polypeptide(L)'
;GLGQMLESMIDNTVRETVGAATSRDALPNTEASGPTHSKEIPALTAVETGATNPLVPSDTVQTRHVVQHRSRSESSIESF
FARGACVTIMTVDNPASTTNKDKLFAVWKITYKDTVQLRRKLEFFTYSRFDMELTFVVTANFTETNNGHALNQVYQIMYV
PPGAPVPEKWDDYTWQTSSNPSIFYTYGTAPARISVPYVGISNAYSHFYDGFSKVPLKDQSAALGDSLYGAASLNDFGIL
AVRVVNDHNPTKVTSKIRVYLKPKHIRVWCPRPPRAVAYYGPGVDYKDGTLTPLSTKDLTTY
;
1
2 'polypeptide(L)'
;SPNIEACGYSDRVLQLTLGNSTITTQEAANSVVAYGRWPEYLRDSEANPVDQPTEPDVAACRFYTLDTVSWTKESRGWWW
KLPDALRDMGLFGQNMYYHYLGRSGYTVHVQCNASKFHQGALGVFAVPEMCLAGDSNTTTMHTSYQNANPGEKGGTFTGT
FTPDNNQTSPARRFCPVDYLLGNGTLLGNAFVFPHQIINLRTNNCATLVLPYVNSLSIDSMVKHNNWGIAILPLAPLNFA
SESSPEIPITLTIAPMCCEFNGLRNITLPRLQ
;
2
3 'polypeptide(L)'
;GLPVMNTPGSNQYLTADNFQSPCALPEFDVTPPIDIPGEVKNMMELAEIDTMIPFDLSATKKNTMEMYRVRLSDKPHTDD
PILCLSLSPASDPRLSHTMLGEILNYYTHWAGSLKFTFLFCGSMMATGKLLVSYAPPGADPPKKRKEAMLGTHVIWDIGL
QSSCTMVVPWISNTTYRQTIDDSFTEGGYISVFYQTRIVVPLSTPREMDILGFVSACNDFSVRLLRDTTHIEQKALA
;
3
4 'polypeptide(L)' (MYR)GAQVSSQKVGAHENSNRAYGGSTINYTTINYYRDSASNAASKQDFSQDPSKFTEPIKDVLIKTAPMLN 4
5 'polypeptide(L)'
;QVQLQESGGGSVQAGGSLRLSCAASGYQYSLLCMAWFRQVLGEGREGVAFITTYNGAMRYADTVKGRFTVSQDKDKNTVY
LQMNSLKPEDTAIYYCAAGRWRFGDICHEGSGYNYWGQGTQVTVSSHHHHHH
;
7
#
loop_
_chem_comp.id
_chem_comp.type
_chem_comp.name
_chem_comp.formula
MYR non-polymer 'MYRISTIC ACID' 'C14 H28 O2'
PLM non-polymer 'PALMITIC ACID' 'C16 H32 O2'
#
# COMPACT_ATOMS: atom_id res chain seq x y z
N ALA A 20 -16.46 19.98 -11.95
CA ALA A 20 -17.02 21.01 -11.01
C ALA A 20 -16.89 20.63 -9.52
N ALA A 21 -17.12 19.35 -9.26
CA ALA A 21 -17.03 18.86 -7.91
C ALA A 21 -15.55 18.97 -7.52
N THR A 22 -15.27 19.96 -6.71
CA THR A 22 -13.90 20.18 -6.27
C THR A 22 -13.62 19.32 -5.02
N SER A 23 -12.35 19.32 -4.64
CA SER A 23 -11.91 18.58 -3.51
C SER A 23 -12.55 19.14 -2.26
N ARG A 24 -12.72 20.45 -2.22
CA ARG A 24 -13.33 21.04 -1.02
C ARG A 24 -14.87 21.20 -1.06
N ASP A 25 -15.51 20.11 -1.41
CA ASP A 25 -16.96 20.10 -1.48
C ASP A 25 -17.48 19.14 -0.40
N ALA A 26 -18.65 19.46 0.11
CA ALA A 26 -19.25 18.63 1.14
C ALA A 26 -19.72 17.30 0.58
N LEU A 27 -19.51 16.24 1.36
CA LEU A 27 -19.93 14.93 0.93
C LEU A 27 -21.43 14.85 0.88
N PRO A 28 -21.95 13.98 0.04
CA PRO A 28 -23.39 13.83 -0.07
C PRO A 28 -24.20 13.67 1.22
N ASN A 29 -25.13 14.58 1.42
CA ASN A 29 -25.96 14.53 2.62
C ASN A 29 -26.78 13.24 2.69
N THR A 30 -26.63 12.54 3.80
CA THR A 30 -27.36 11.30 3.98
C THR A 30 -28.88 11.45 4.26
N GLU A 31 -29.64 10.88 3.35
CA GLU A 31 -31.08 10.93 3.44
C GLU A 31 -31.82 10.11 4.50
N ALA A 32 -33.00 10.58 4.83
CA ALA A 32 -33.80 9.89 5.81
C ALA A 32 -34.58 8.80 5.04
N SER A 33 -34.58 7.61 5.62
CA SER A 33 -35.27 6.50 5.02
C SER A 33 -35.91 5.63 6.11
N GLY A 34 -37.14 5.23 5.85
CA GLY A 34 -37.86 4.41 6.80
C GLY A 34 -38.06 2.94 6.49
N PRO A 35 -38.95 2.32 7.25
CA PRO A 35 -39.22 0.89 7.05
C PRO A 35 -39.43 0.46 5.62
N THR A 36 -39.07 -0.78 5.33
CA THR A 36 -39.24 -1.30 3.97
C THR A 36 -39.52 -2.80 3.81
N HIS A 37 -40.32 -3.11 2.82
CA HIS A 37 -40.68 -4.48 2.55
C HIS A 37 -40.95 -4.63 1.04
N SER A 38 -39.87 -4.52 0.28
CA SER A 38 -39.98 -4.62 -1.16
C SER A 38 -39.17 -5.70 -1.92
N LYS A 39 -39.28 -5.63 -3.23
CA LYS A 39 -38.58 -6.56 -4.09
C LYS A 39 -37.21 -6.04 -4.48
N GLU A 40 -36.90 -4.85 -4.04
CA GLU A 40 -35.60 -4.26 -4.36
C GLU A 40 -34.61 -4.82 -3.36
N ILE A 41 -33.50 -5.33 -3.87
CA ILE A 41 -32.49 -5.92 -2.99
C ILE A 41 -31.16 -5.33 -2.62
N PRO A 42 -31.05 -4.01 -2.60
CA PRO A 42 -29.79 -3.39 -2.25
C PRO A 42 -28.74 -4.28 -1.62
N ALA A 43 -29.02 -4.75 -0.43
CA ALA A 43 -28.10 -5.62 0.28
C ALA A 43 -27.30 -6.75 -0.41
N LEU A 44 -27.90 -7.30 -1.44
CA LEU A 44 -27.26 -8.36 -2.19
C LEU A 44 -26.38 -7.95 -3.40
N THR A 45 -25.31 -8.70 -3.55
CA THR A 45 -24.36 -8.50 -4.60
C THR A 45 -23.77 -9.86 -5.05
N ALA A 46 -22.70 -9.75 -5.82
CA ALA A 46 -22.01 -10.89 -6.32
C ALA A 46 -20.67 -10.29 -6.77
N VAL A 47 -19.82 -10.05 -5.80
CA VAL A 47 -18.52 -9.48 -6.08
C VAL A 47 -17.87 -10.13 -7.29
N GLU A 48 -18.43 -11.26 -7.71
CA GLU A 48 -17.92 -11.96 -8.87
C GLU A 48 -17.85 -11.06 -10.08
N THR A 49 -18.87 -10.24 -10.24
CA THR A 49 -18.89 -9.32 -11.38
C THR A 49 -17.57 -8.54 -11.37
N GLY A 50 -17.16 -8.15 -10.18
CA GLY A 50 -15.93 -7.41 -10.04
C GLY A 50 -16.33 -6.00 -9.57
N ALA A 51 -17.62 -5.75 -9.58
CA ALA A 51 -18.14 -4.48 -9.17
C ALA A 51 -18.33 -4.43 -7.63
N THR A 52 -17.82 -3.36 -7.06
CA THR A 52 -17.90 -3.11 -5.67
C THR A 52 -19.33 -2.64 -5.49
N ASN A 53 -20.08 -3.37 -4.68
CA ASN A 53 -21.47 -3.01 -4.45
C ASN A 53 -21.58 -1.62 -3.85
N PRO A 54 -22.23 -0.73 -4.56
CA PRO A 54 -22.37 0.63 -4.05
C PRO A 54 -23.56 1.08 -3.17
N LEU A 55 -23.50 0.64 -1.93
CA LEU A 55 -24.54 0.98 -0.98
C LEU A 55 -24.20 2.20 -0.11
N VAL A 56 -25.24 2.81 0.43
CA VAL A 56 -25.08 3.96 1.29
C VAL A 56 -25.73 3.54 2.58
N PRO A 57 -25.42 4.23 3.66
CA PRO A 57 -26.01 3.87 4.95
C PRO A 57 -27.54 3.61 4.95
N SER A 58 -28.23 4.49 4.25
CA SER A 58 -29.67 4.39 4.15
C SER A 58 -30.27 3.15 3.44
N ASP A 59 -29.41 2.47 2.71
CA ASP A 59 -29.81 1.29 1.98
C ASP A 59 -30.26 0.14 2.85
N THR A 60 -29.49 -0.15 3.88
CA THR A 60 -29.86 -1.26 4.77
C THR A 60 -30.58 -0.90 6.04
N VAL A 61 -30.08 0.10 6.75
CA VAL A 61 -30.71 0.50 7.99
C VAL A 61 -31.47 1.81 7.88
N GLN A 62 -32.41 2.03 8.76
CA GLN A 62 -33.18 3.27 8.71
C GLN A 62 -32.29 4.43 9.17
N THR A 63 -32.37 5.51 8.42
CA THR A 63 -31.60 6.68 8.71
C THR A 63 -32.46 7.94 8.83
N ARG A 64 -31.90 8.93 9.51
CA ARG A 64 -32.57 10.18 9.70
C ARG A 64 -31.90 11.03 8.64
N HIS A 65 -32.33 12.28 8.53
CA HIS A 65 -31.73 13.16 7.55
C HIS A 65 -30.51 13.75 8.23
N VAL A 66 -29.43 13.88 7.48
CA VAL A 66 -28.21 14.43 8.05
C VAL A 66 -27.53 15.34 7.05
N VAL A 67 -27.26 16.57 7.46
CA VAL A 67 -26.61 17.51 6.56
C VAL A 67 -25.13 17.29 6.83
N GLN A 68 -24.47 16.62 5.90
CA GLN A 68 -23.06 16.34 6.04
C GLN A 68 -22.07 17.48 5.72
N HIS A 69 -21.13 17.66 6.62
CA HIS A 69 -20.13 18.70 6.44
C HIS A 69 -18.69 18.34 6.08
N ARG A 70 -18.36 17.08 6.30
CA ARG A 70 -17.01 16.62 5.99
C ARG A 70 -16.72 16.60 4.49
N SER A 71 -15.52 17.05 4.16
CA SER A 71 -15.09 17.09 2.78
C SER A 71 -13.71 16.43 2.65
N ARG A 72 -13.53 15.76 1.52
CA ARG A 72 -12.28 15.08 1.24
C ARG A 72 -11.03 15.95 0.94
N SER A 73 -11.26 17.24 1.00
CA SER A 73 -10.23 18.20 0.76
C SER A 73 -8.80 18.00 1.17
N GLU A 74 -8.59 17.18 2.19
CA GLU A 74 -7.22 16.95 2.66
C GLU A 74 -6.65 15.60 2.24
N SER A 75 -7.36 14.91 1.37
CA SER A 75 -6.90 13.62 0.91
C SER A 75 -6.81 13.54 -0.61
N SER A 76 -6.93 14.67 -1.25
CA SER A 76 -6.85 14.73 -2.70
C SER A 76 -5.42 14.45 -3.10
N ILE A 77 -5.26 13.77 -4.22
CA ILE A 77 -3.91 13.45 -4.69
C ILE A 77 -2.86 14.50 -4.38
N GLU A 78 -3.23 15.75 -4.55
CA GLU A 78 -2.30 16.83 -4.27
C GLU A 78 -1.84 16.78 -2.80
N SER A 79 -2.81 16.76 -1.91
CA SER A 79 -2.53 16.73 -0.50
C SER A 79 -1.84 15.49 0.03
N PHE A 80 -1.97 14.39 -0.69
CA PHE A 80 -1.32 13.16 -0.23
C PHE A 80 0.18 13.22 -0.36
N PHE A 81 0.66 13.98 -1.32
CA PHE A 81 2.09 14.12 -1.52
C PHE A 81 2.65 15.45 -1.05
N ALA A 82 1.77 16.32 -0.60
CA ALA A 82 2.19 17.63 -0.13
C ALA A 82 3.22 17.93 0.97
N ARG A 83 3.90 16.89 1.39
CA ARG A 83 4.91 17.03 2.41
C ARG A 83 6.23 16.71 1.75
N GLY A 84 7.26 17.47 2.06
CA GLY A 84 8.57 17.22 1.47
C GLY A 84 9.13 16.01 2.17
N ALA A 85 10.06 15.34 1.53
CA ALA A 85 10.65 14.15 2.14
C ALA A 85 12.13 13.91 1.88
N CYS A 86 12.83 13.43 2.89
CA CYS A 86 14.24 13.15 2.78
C CYS A 86 14.43 12.10 1.70
N VAL A 87 15.45 12.28 0.88
CA VAL A 87 15.71 11.32 -0.18
C VAL A 87 17.13 10.80 -0.08
N THR A 88 18.00 11.58 0.53
CA THR A 88 19.38 11.17 0.67
C THR A 88 20.21 11.99 1.69
N ILE A 89 21.41 11.52 1.92
CA ILE A 89 22.33 12.15 2.83
C ILE A 89 23.65 12.13 2.08
N MET A 90 24.06 13.29 1.59
CA MET A 90 25.30 13.40 0.86
C MET A 90 26.45 13.93 1.70
N THR A 91 27.55 13.19 1.70
CA THR A 91 28.71 13.58 2.47
C THR A 91 29.90 14.29 1.79
N VAL A 92 30.20 15.46 2.30
CA VAL A 92 31.30 16.24 1.79
C VAL A 92 32.18 16.62 2.98
N ASP A 93 33.36 17.12 2.67
CA ASP A 93 34.29 17.52 3.69
C ASP A 93 35.44 18.33 3.10
N ASN A 94 36.16 19.02 3.96
CA ASN A 94 37.27 19.83 3.52
C ASN A 94 38.40 19.57 4.49
N PRO A 95 39.26 18.64 4.14
CA PRO A 95 40.39 18.33 5.01
C PRO A 95 41.61 19.22 4.72
N ALA A 96 42.54 19.22 5.64
CA ALA A 96 43.74 20.04 5.48
C ALA A 96 44.58 19.67 4.24
N SER A 97 45.27 20.67 3.73
CA SER A 97 46.11 20.45 2.55
C SER A 97 47.33 19.48 2.77
N THR A 98 47.63 19.34 4.05
CA THR A 98 48.70 18.50 4.49
C THR A 98 48.35 17.00 4.50
N THR A 99 47.05 16.76 4.47
CA THR A 99 46.54 15.41 4.48
C THR A 99 46.77 14.54 3.21
N ASN A 100 46.98 13.26 3.49
CA ASN A 100 47.20 12.29 2.47
C ASN A 100 45.92 11.82 1.73
N LYS A 101 44.80 11.97 2.42
CA LYS A 101 43.53 11.58 1.87
C LYS A 101 42.99 12.77 1.05
N ASP A 102 42.33 12.42 -0.03
CA ASP A 102 41.77 13.42 -0.92
C ASP A 102 40.36 14.02 -0.61
N LYS A 103 40.33 15.34 -0.68
CA LYS A 103 39.14 16.09 -0.42
C LYS A 103 37.86 15.47 -1.05
N LEU A 104 37.14 14.77 -0.20
CA LEU A 104 35.92 14.12 -0.59
C LEU A 104 34.68 14.96 -1.01
N PHE A 105 34.30 14.76 -2.25
CA PHE A 105 33.18 15.44 -2.82
C PHE A 105 32.19 14.31 -3.10
N ALA A 106 30.94 14.55 -2.77
CA ALA A 106 29.92 13.55 -2.98
C ALA A 106 29.20 13.67 -4.32
N VAL A 107 28.74 12.52 -4.81
CA VAL A 107 28.04 12.46 -6.06
C VAL A 107 26.94 11.41 -5.83
N TRP A 108 25.71 11.89 -5.83
CA TRP A 108 24.57 11.05 -5.63
C TRP A 108 23.68 10.99 -6.85
N LYS A 109 23.32 9.77 -7.25
CA LYS A 109 22.45 9.63 -8.42
C LYS A 109 21.06 9.97 -7.93
N ILE A 110 20.34 10.75 -8.73
CA ILE A 110 18.99 11.14 -8.36
C ILE A 110 17.94 10.04 -8.59
N THR A 111 17.50 9.46 -7.49
CA THR A 111 16.51 8.43 -7.51
C THR A 111 15.84 8.43 -6.15
N TYR A 112 14.52 8.47 -6.17
CA TYR A 112 13.76 8.47 -4.94
C TYR A 112 13.93 7.18 -4.15
N LYS A 113 14.19 6.11 -4.88
CA LYS A 113 14.37 4.80 -4.30
C LYS A 113 15.42 4.51 -3.24
N ASP A 114 16.14 5.54 -2.84
CA ASP A 114 17.17 5.35 -1.83
C ASP A 114 16.71 5.29 -0.38
N THR A 115 15.48 5.71 -0.16
CA THR A 115 14.91 5.70 1.17
C THR A 115 13.46 5.21 1.13
N VAL A 116 13.09 4.47 2.16
CA VAL A 116 11.73 3.95 2.23
C VAL A 116 10.59 4.97 2.07
N GLN A 117 10.43 5.79 3.08
CA GLN A 117 9.39 6.78 3.10
C GLN A 117 8.72 7.38 1.90
N LEU A 118 9.49 7.96 1.00
CA LEU A 118 8.86 8.55 -0.19
C LEU A 118 8.46 7.49 -1.22
N ARG A 119 9.27 6.44 -1.28
CA ARG A 119 9.03 5.36 -2.19
C ARG A 119 7.69 4.64 -2.04
N ARG A 120 7.34 4.35 -0.80
CA ARG A 120 6.09 3.66 -0.53
C ARG A 120 4.95 4.58 -0.90
N LYS A 121 5.09 5.85 -0.59
CA LYS A 121 4.04 6.80 -0.92
C LYS A 121 3.91 6.91 -2.43
N LEU A 122 5.02 6.75 -3.12
CA LEU A 122 4.99 6.83 -4.57
C LEU A 122 4.52 5.54 -5.22
N GLU A 123 4.79 4.43 -4.56
CA GLU A 123 4.36 3.15 -5.10
C GLU A 123 2.89 2.91 -5.26
N PHE A 124 2.07 3.67 -4.54
CA PHE A 124 0.62 3.49 -4.70
C PHE A 124 0.19 3.72 -6.13
N PHE A 125 1.08 4.29 -6.92
CA PHE A 125 0.72 4.56 -8.31
C PHE A 125 1.66 4.02 -9.38
N THR A 126 1.08 3.49 -10.43
CA THR A 126 1.84 2.93 -11.53
C THR A 126 2.60 4.00 -12.30
N TYR A 127 1.95 5.13 -12.49
CA TYR A 127 2.56 6.22 -13.22
C TYR A 127 2.19 7.58 -12.63
N SER A 128 3.02 8.56 -12.91
CA SER A 128 2.77 9.90 -12.42
C SER A 128 3.54 10.97 -13.19
N ARG A 129 3.08 12.20 -13.04
CA ARG A 129 3.70 13.34 -13.65
C ARG A 129 3.74 14.32 -12.51
N PHE A 130 4.93 14.76 -12.17
CA PHE A 130 5.05 15.72 -11.08
C PHE A 130 6.27 16.63 -11.16
N ASP A 131 6.03 17.91 -11.03
CA ASP A 131 7.09 18.89 -11.08
C ASP A 131 7.61 18.90 -9.62
N MET A 132 8.88 18.58 -9.50
CA MET A 132 9.53 18.54 -8.22
C MET A 132 10.21 19.85 -7.75
N GLU A 133 10.33 19.94 -6.43
CA GLU A 133 10.92 21.07 -5.79
C GLU A 133 11.90 20.51 -4.77
N LEU A 134 13.18 20.82 -4.97
CA LEU A 134 14.20 20.34 -4.06
C LEU A 134 14.70 21.37 -3.05
N THR A 135 14.90 20.92 -1.84
CA THR A 135 15.38 21.77 -0.76
C THR A 135 16.63 21.12 -0.15
N PHE A 136 17.62 21.94 0.14
CA PHE A 136 18.85 21.42 0.71
C PHE A 136 19.26 21.98 2.07
N VAL A 137 19.19 21.14 3.08
CA VAL A 137 19.56 21.56 4.42
C VAL A 137 20.99 21.10 4.59
N VAL A 138 21.88 22.02 4.86
CA VAL A 138 23.29 21.64 5.03
C VAL A 138 23.81 21.91 6.42
N THR A 139 24.24 20.85 7.08
CA THR A 139 24.76 20.98 8.43
C THR A 139 26.21 20.50 8.48
N ALA A 140 27.01 21.19 9.27
CA ALA A 140 28.41 20.85 9.39
C ALA A 140 28.91 20.68 10.82
N ASN A 141 30.14 20.20 10.94
CA ASN A 141 30.75 20.00 12.23
C ASN A 141 32.23 19.70 12.12
N PHE A 142 32.93 19.79 13.23
CA PHE A 142 34.36 19.52 13.24
C PHE A 142 34.52 18.02 13.45
N THR A 143 35.76 17.58 13.34
CA THR A 143 36.06 16.16 13.53
C THR A 143 37.17 15.95 14.56
N GLU A 144 38.28 16.61 14.32
CA GLU A 144 39.41 16.50 15.23
C GLU A 144 39.07 17.37 16.43
N THR A 145 39.57 16.96 17.58
CA THR A 145 39.30 17.72 18.80
C THR A 145 40.30 18.89 19.02
N ASN A 146 40.33 19.74 18.01
CA ASN A 146 41.19 20.89 18.04
C ASN A 146 40.30 22.14 18.11
N ASN A 147 40.75 23.07 18.92
CA ASN A 147 40.04 24.32 19.09
C ASN A 147 40.38 25.20 17.85
N GLY A 148 40.56 24.49 16.75
CA GLY A 148 40.88 25.10 15.51
C GLY A 148 39.56 25.71 15.03
N HIS A 149 39.67 26.69 14.15
CA HIS A 149 38.51 27.36 13.63
C HIS A 149 38.26 26.97 12.17
N ALA A 150 37.25 27.61 11.60
CA ALA A 150 36.89 27.37 10.23
C ALA A 150 36.02 28.56 9.89
N LEU A 151 36.22 29.13 8.72
CA LEU A 151 35.41 30.27 8.33
C LEU A 151 34.15 29.66 7.71
N ASN A 152 33.09 30.44 7.72
CA ASN A 152 31.84 30.00 7.16
C ASN A 152 32.12 29.43 5.77
N GLN A 153 31.66 28.22 5.54
CA GLN A 153 31.85 27.57 4.26
C GLN A 153 30.79 27.83 3.20
N VAL A 154 31.18 27.66 1.96
CA VAL A 154 30.25 27.87 0.85
C VAL A 154 30.16 26.60 0.02
N TYR A 155 28.96 26.09 -0.12
CA TYR A 155 28.76 24.87 -0.90
C TYR A 155 28.25 25.08 -2.32
N GLN A 156 28.53 24.10 -3.16
CA GLN A 156 28.11 24.15 -4.54
C GLN A 156 27.38 22.83 -4.77
N ILE A 157 26.24 22.92 -5.40
CA ILE A 157 25.46 21.75 -5.70
C ILE A 157 25.25 21.88 -7.19
N MET A 158 25.95 21.05 -7.94
CA MET A 158 25.85 21.08 -9.38
C MET A 158 25.12 19.89 -10.05
N TYR A 159 24.05 20.24 -10.75
CA TYR A 159 23.26 19.24 -11.43
C TYR A 159 23.79 18.80 -12.80
N VAL A 160 24.43 17.65 -12.79
CA VAL A 160 24.99 17.09 -14.00
C VAL A 160 23.88 16.21 -14.56
N PRO A 161 23.30 16.64 -15.67
CA PRO A 161 22.25 15.88 -16.30
C PRO A 161 22.84 14.66 -16.95
N PRO A 162 22.01 13.70 -17.29
CA PRO A 162 22.57 12.48 -17.91
C PRO A 162 23.56 12.72 -19.06
N GLY A 163 24.75 12.19 -18.89
CA GLY A 163 25.77 12.33 -19.92
C GLY A 163 26.85 13.40 -19.94
N ALA A 164 26.75 14.35 -19.02
CA ALA A 164 27.73 15.42 -18.95
C ALA A 164 28.90 14.83 -18.21
N PRO A 165 30.05 15.52 -18.26
CA PRO A 165 31.20 14.93 -17.54
C PRO A 165 31.10 15.06 -16.01
N VAL A 166 31.03 13.91 -15.37
CA VAL A 166 30.94 13.87 -13.92
C VAL A 166 32.24 14.35 -13.33
N PRO A 167 32.14 15.20 -12.33
CA PRO A 167 33.35 15.71 -11.69
C PRO A 167 34.37 14.65 -11.27
N GLU A 168 35.63 14.96 -11.47
CA GLU A 168 36.68 14.05 -11.15
C GLU A 168 37.46 14.42 -9.90
N LYS A 169 37.87 15.67 -9.82
CA LYS A 169 38.61 16.16 -8.67
C LYS A 169 37.76 17.26 -8.12
N TRP A 170 37.93 17.59 -6.85
CA TRP A 170 37.11 18.65 -6.26
C TRP A 170 37.43 19.97 -6.98
N ASP A 171 38.51 19.94 -7.73
CA ASP A 171 38.94 21.12 -8.45
C ASP A 171 39.27 21.10 -9.92
N ASP A 172 38.53 20.33 -10.69
CA ASP A 172 38.82 20.28 -12.13
C ASP A 172 37.83 21.22 -12.84
N TYR A 173 38.01 21.34 -14.14
CA TYR A 173 37.19 22.19 -14.96
C TYR A 173 35.70 21.93 -14.84
N THR A 174 35.32 20.67 -14.90
CA THR A 174 33.91 20.31 -14.81
C THR A 174 32.98 21.24 -14.00
N TRP A 175 33.56 21.84 -12.99
CA TRP A 175 32.84 22.74 -12.13
C TRP A 175 32.67 24.15 -12.64
N GLN A 176 33.22 24.41 -13.81
CA GLN A 176 33.10 25.74 -14.41
C GLN A 176 31.65 26.01 -14.86
N THR A 177 30.79 25.09 -14.49
CA THR A 177 29.40 25.17 -14.80
C THR A 177 29.03 26.09 -15.96
N SER A 178 29.44 25.71 -17.15
CA SER A 178 29.14 26.50 -18.32
C SER A 178 27.65 26.38 -18.59
N SER A 179 27.13 25.19 -18.35
CA SER A 179 25.73 24.94 -18.57
C SER A 179 24.99 24.12 -17.51
N ASN A 180 25.74 23.61 -16.56
CA ASN A 180 25.14 22.82 -15.50
C ASN A 180 24.49 23.77 -14.53
N PRO A 181 23.17 23.74 -14.45
CA PRO A 181 22.47 24.62 -13.51
C PRO A 181 22.97 24.31 -12.10
N SER A 182 23.57 25.30 -11.47
CA SER A 182 24.09 25.13 -10.13
C SER A 182 23.55 26.06 -9.04
N ILE A 183 23.93 25.76 -7.80
CA ILE A 183 23.49 26.55 -6.68
C ILE A 183 24.66 26.79 -5.73
N PHE A 184 24.78 28.02 -5.25
CA PHE A 184 25.84 28.36 -4.33
C PHE A 184 25.21 28.73 -2.98
N TYR A 185 25.33 27.80 -2.04
CA TYR A 185 24.79 27.97 -0.73
C TYR A 185 25.82 28.30 0.37
N THR A 186 25.63 29.44 1.00
CA THR A 186 26.51 29.87 2.05
C THR A 186 25.90 29.18 3.26
N TYR A 187 26.76 28.76 4.17
CA TYR A 187 26.32 28.08 5.36
C TYR A 187 25.78 29.09 6.34
N GLY A 188 24.80 28.68 7.13
CA GLY A 188 24.20 29.58 8.10
C GLY A 188 23.09 30.49 7.57
N THR A 189 22.50 30.08 6.47
CA THR A 189 21.42 30.83 5.86
C THR A 189 20.29 29.84 5.63
N ALA A 190 19.13 30.38 5.27
CA ALA A 190 17.99 29.53 5.01
C ALA A 190 18.26 28.50 3.94
N PRO A 191 17.88 27.26 4.20
CA PRO A 191 18.09 26.22 3.23
C PRO A 191 17.79 26.60 1.77
N ALA A 192 18.57 26.01 0.88
CA ALA A 192 18.43 26.26 -0.53
C ALA A 192 17.33 25.50 -1.26
N ARG A 193 16.73 26.16 -2.22
CA ARG A 193 15.66 25.56 -3.00
C ARG A 193 15.47 25.85 -4.48
N ILE A 194 15.37 24.78 -5.25
CA ILE A 194 15.17 24.91 -6.69
C ILE A 194 14.02 24.08 -7.26
N SER A 195 13.37 24.65 -8.28
CA SER A 195 12.26 23.99 -8.91
C SER A 195 12.67 23.34 -10.23
N VAL A 196 12.19 22.13 -10.45
CA VAL A 196 12.51 21.42 -11.67
C VAL A 196 11.22 20.92 -12.24
N PRO A 197 10.94 21.25 -13.50
CA PRO A 197 9.70 20.78 -14.10
C PRO A 197 9.76 19.30 -14.43
N TYR A 198 8.65 18.75 -14.88
CA TYR A 198 8.60 17.34 -15.24
C TYR A 198 9.68 17.13 -16.27
N VAL A 199 10.64 16.29 -15.95
CA VAL A 199 11.72 16.03 -16.90
C VAL A 199 11.79 14.65 -17.54
N GLY A 200 10.69 13.93 -17.49
CA GLY A 200 10.65 12.60 -18.06
C GLY A 200 10.80 12.57 -19.58
N ILE A 201 11.30 11.46 -20.08
CA ILE A 201 11.47 11.31 -21.51
C ILE A 201 10.17 10.71 -22.07
N SER A 202 9.25 10.47 -21.17
CA SER A 202 7.97 9.92 -21.51
C SER A 202 6.79 10.88 -21.31
N ASN A 203 5.64 10.30 -21.04
CA ASN A 203 4.45 11.07 -20.82
C ASN A 203 4.06 10.92 -19.34
N ALA A 204 4.83 10.13 -18.63
CA ALA A 204 4.61 9.91 -17.23
C ALA A 204 5.82 9.15 -16.73
N TYR A 205 6.17 9.36 -15.47
CA TYR A 205 7.31 8.69 -14.90
C TYR A 205 6.83 7.28 -14.54
N SER A 206 7.65 6.30 -14.84
CA SER A 206 7.31 4.93 -14.56
C SER A 206 7.92 4.43 -13.24
N HIS A 207 7.07 4.24 -12.26
CA HIS A 207 7.53 3.75 -10.97
C HIS A 207 7.89 2.26 -11.07
N PHE A 208 7.38 1.64 -12.12
CA PHE A 208 7.63 0.26 -12.37
C PHE A 208 7.77 0.00 -13.87
N TYR A 209 8.81 -0.74 -14.22
CA TYR A 209 9.06 -1.07 -15.61
C TYR A 209 9.25 -2.57 -15.82
N ASP A 210 8.20 -3.21 -16.30
CA ASP A 210 8.29 -4.64 -16.54
C ASP A 210 8.90 -4.87 -17.92
N GLY A 211 10.10 -5.42 -17.91
CA GLY A 211 10.80 -5.68 -19.16
C GLY A 211 12.30 -5.40 -19.14
N PHE A 212 12.90 -5.53 -20.31
CA PHE A 212 14.33 -5.29 -20.44
C PHE A 212 14.68 -4.25 -21.50
N SER A 213 15.82 -3.63 -21.30
CA SER A 213 16.30 -2.62 -22.21
C SER A 213 16.82 -3.24 -23.51
N LYS A 214 17.51 -4.36 -23.36
CA LYS A 214 18.07 -5.06 -24.47
C LYS A 214 17.43 -6.44 -24.67
N VAL A 215 17.11 -6.74 -25.92
CA VAL A 215 16.50 -7.99 -26.27
C VAL A 215 17.67 -8.87 -26.63
N PRO A 216 17.76 -10.02 -25.97
CA PRO A 216 18.88 -10.92 -26.29
C PRO A 216 18.59 -11.53 -27.67
N LEU A 217 19.49 -11.27 -28.59
CA LEU A 217 19.34 -11.78 -29.93
C LEU A 217 19.94 -13.16 -30.22
N LYS A 218 19.24 -13.91 -31.05
CA LYS A 218 19.69 -15.24 -31.41
C LYS A 218 21.06 -15.40 -32.09
N ASP A 219 21.50 -14.31 -32.72
CA ASP A 219 22.78 -14.31 -33.38
C ASP A 219 23.58 -13.21 -32.65
N GLN A 220 24.09 -13.60 -31.50
CA GLN A 220 24.86 -12.69 -30.68
C GLN A 220 25.25 -13.41 -29.37
N SER A 221 26.15 -12.77 -28.65
CA SER A 221 26.62 -13.33 -27.39
C SER A 221 25.68 -12.94 -26.24
N ALA A 222 25.39 -13.92 -25.41
CA ALA A 222 24.50 -13.70 -24.28
C ALA A 222 24.91 -12.45 -23.46
N ALA A 223 26.21 -12.30 -23.31
CA ALA A 223 26.76 -11.18 -22.58
C ALA A 223 26.23 -9.81 -23.05
N LEU A 224 26.40 -9.57 -24.33
CA LEU A 224 25.95 -8.33 -24.91
C LEU A 224 24.43 -8.29 -25.07
N GLY A 225 23.82 -9.43 -24.88
CA GLY A 225 22.38 -9.54 -24.97
C GLY A 225 21.69 -9.40 -23.62
N ASP A 226 22.49 -9.47 -22.57
CA ASP A 226 22.00 -9.33 -21.22
C ASP A 226 21.91 -7.98 -20.53
N SER A 227 20.75 -7.73 -19.94
CA SER A 227 20.52 -6.49 -19.23
C SER A 227 19.98 -6.85 -17.85
N LEU A 228 19.49 -5.83 -17.16
CA LEU A 228 18.93 -6.02 -15.85
C LEU A 228 17.41 -5.83 -15.90
N TYR A 229 16.72 -6.80 -15.33
CA TYR A 229 15.26 -6.76 -15.31
C TYR A 229 14.80 -5.51 -14.57
N GLY A 230 13.74 -4.90 -15.06
CA GLY A 230 13.21 -3.71 -14.44
C GLY A 230 14.10 -2.48 -14.36
N ALA A 231 15.08 -2.42 -15.23
CA ALA A 231 15.99 -1.29 -15.25
C ALA A 231 15.80 -0.54 -16.58
N ALA A 232 15.22 0.64 -16.46
CA ALA A 232 14.96 1.47 -17.62
C ALA A 232 15.46 2.92 -17.52
N SER A 233 15.69 3.49 -18.67
CA SER A 233 16.16 4.85 -18.77
C SER A 233 15.09 5.86 -18.34
N LEU A 234 13.85 5.41 -18.41
CA LEU A 234 12.71 6.20 -18.04
C LEU A 234 12.96 6.94 -16.72
N ASN A 235 13.62 6.24 -15.81
CA ASN A 235 13.93 6.82 -14.53
C ASN A 235 15.40 7.19 -14.21
N ASP A 236 16.10 7.58 -15.26
CA ASP A 236 17.47 7.98 -15.13
C ASP A 236 17.35 9.50 -15.22
N PHE A 237 18.00 10.18 -14.30
CA PHE A 237 17.92 11.64 -14.31
C PHE A 237 19.18 12.42 -13.99
N GLY A 238 20.32 11.79 -14.17
CA GLY A 238 21.57 12.47 -13.90
C GLY A 238 21.94 12.46 -12.40
N ILE A 239 23.09 13.05 -12.12
CA ILE A 239 23.56 13.11 -10.74
C ILE A 239 23.77 14.52 -10.18
N LEU A 240 23.89 14.59 -8.87
CA LEU A 240 24.11 15.83 -8.20
C LEU A 240 25.55 15.73 -7.71
N ALA A 241 26.27 16.82 -7.83
CA ALA A 241 27.65 16.85 -7.40
C ALA A 241 27.74 17.92 -6.33
N VAL A 242 28.30 17.55 -5.19
CA VAL A 242 28.43 18.51 -4.10
C VAL A 242 29.87 18.63 -3.64
N ARG A 243 30.33 19.86 -3.47
CA ARG A 243 31.69 20.09 -3.02
C ARG A 243 31.79 21.34 -2.13
N VAL A 244 32.85 21.38 -1.34
CA VAL A 244 33.07 22.49 -0.45
C VAL A 244 33.97 23.46 -1.21
N VAL A 245 33.41 24.57 -1.63
CA VAL A 245 34.16 25.55 -2.38
C VAL A 245 35.41 26.18 -1.77
N ASN A 246 35.39 26.34 -0.46
CA ASN A 246 36.52 26.93 0.23
C ASN A 246 37.69 25.99 0.14
N ASP A 247 38.88 26.52 -0.07
CA ASP A 247 40.05 25.65 -0.18
C ASP A 247 40.47 24.98 1.10
N HIS A 248 41.60 24.28 1.07
CA HIS A 248 42.07 23.61 2.28
C HIS A 248 42.27 24.45 3.57
N ASN A 249 41.69 23.94 4.64
CA ASN A 249 41.76 24.58 5.92
C ASN A 249 42.41 23.72 6.97
N PRO A 250 43.34 24.30 7.69
CA PRO A 250 44.04 23.57 8.75
C PRO A 250 43.31 22.58 9.70
N THR A 251 42.04 22.87 9.91
CA THR A 251 41.23 22.05 10.77
C THR A 251 40.12 21.43 9.91
N LYS A 252 40.15 20.12 9.82
CA LYS A 252 39.16 19.40 9.03
C LYS A 252 37.69 19.55 9.46
N VAL A 253 36.86 19.88 8.49
CA VAL A 253 35.45 20.06 8.74
C VAL A 253 34.55 19.30 7.75
N THR A 254 33.82 18.34 8.30
CA THR A 254 32.92 17.53 7.53
C THR A 254 31.51 18.16 7.57
N SER A 255 30.75 17.88 6.54
CA SER A 255 29.42 18.41 6.44
C SER A 255 28.51 17.45 5.69
N LYS A 256 27.23 17.54 5.96
CA LYS A 256 26.27 16.67 5.29
C LYS A 256 25.17 17.48 4.61
N ILE A 257 24.77 17.02 3.45
CA ILE A 257 23.73 17.69 2.70
C ILE A 257 22.51 16.77 2.52
N ARG A 258 21.45 17.11 3.23
CA ARG A 258 20.22 16.37 3.15
C ARG A 258 19.39 17.02 2.06
N VAL A 259 18.82 16.18 1.20
CA VAL A 259 18.01 16.68 0.11
C VAL A 259 16.54 16.38 0.29
N TYR A 260 15.73 17.41 0.32
CA TYR A 260 14.29 17.24 0.48
C TYR A 260 13.53 17.45 -0.83
N LEU A 261 12.76 16.44 -1.19
CA LEU A 261 11.98 16.47 -2.39
C LEU A 261 10.50 16.52 -2.04
N LYS A 262 9.79 17.42 -2.69
CA LYS A 262 8.37 17.57 -2.43
C LYS A 262 7.71 17.64 -3.79
N PRO A 263 7.01 16.58 -4.16
CA PRO A 263 6.33 16.58 -5.46
C PRO A 263 5.19 17.58 -5.44
N LYS A 264 5.09 18.36 -6.49
CA LYS A 264 4.03 19.35 -6.59
C LYS A 264 3.41 19.28 -7.98
N HIS A 265 2.18 19.75 -8.08
CA HIS A 265 1.47 19.74 -9.34
C HIS A 265 1.52 18.27 -9.74
N ILE A 266 1.08 17.41 -8.85
CA ILE A 266 1.10 15.98 -9.13
C ILE A 266 -0.22 15.37 -9.62
N ARG A 267 -0.09 14.29 -10.38
CA ARG A 267 -1.20 13.57 -10.91
C ARG A 267 -0.71 12.14 -11.04
N VAL A 268 -1.61 11.19 -10.81
CA VAL A 268 -1.23 9.78 -10.90
C VAL A 268 -2.10 8.86 -11.75
N TRP A 269 -1.60 7.66 -11.97
CA TRP A 269 -2.32 6.67 -12.76
C TRP A 269 -2.26 5.17 -12.40
N CYS A 270 -3.43 4.61 -12.19
CA CYS A 270 -3.57 3.22 -11.85
C CYS A 270 -3.04 2.80 -10.49
N PRO A 271 -3.94 2.53 -9.57
CA PRO A 271 -3.58 2.13 -8.24
C PRO A 271 -3.07 0.71 -8.10
N ARG A 272 -2.08 0.53 -7.26
CA ARG A 272 -1.48 -0.76 -7.03
C ARG A 272 -1.53 -0.92 -5.54
N PRO A 273 -1.41 -2.13 -5.05
CA PRO A 273 -1.45 -2.31 -3.59
C PRO A 273 -0.15 -1.85 -2.95
N PRO A 274 -0.24 -1.27 -1.77
CA PRO A 274 0.98 -0.81 -1.11
C PRO A 274 2.00 -1.88 -0.72
N ARG A 275 3.26 -1.50 -0.77
CA ARG A 275 4.33 -2.41 -0.43
C ARG A 275 4.25 -2.95 1.02
N ALA A 276 4.03 -4.24 1.10
CA ALA A 276 3.92 -4.89 2.39
C ALA A 276 5.11 -5.47 3.17
N VAL A 277 6.14 -5.81 2.44
CA VAL A 277 7.34 -6.36 3.08
C VAL A 277 8.52 -5.45 2.76
N ALA A 278 9.43 -5.36 3.71
CA ALA A 278 10.60 -4.52 3.54
C ALA A 278 11.26 -4.50 2.18
N TYR A 279 11.50 -3.30 1.67
CA TYR A 279 12.13 -3.21 0.36
C TYR A 279 13.60 -3.63 0.38
N TYR A 280 14.01 -4.27 -0.70
CA TYR A 280 15.38 -4.73 -0.82
C TYR A 280 15.90 -4.35 -2.21
N GLY A 281 16.68 -3.29 -2.23
CA GLY A 281 17.24 -2.81 -3.47
C GLY A 281 16.31 -2.04 -4.39
N PRO A 282 16.85 -1.55 -5.48
CA PRO A 282 16.06 -0.79 -6.43
C PRO A 282 14.91 -1.48 -7.16
N GLY A 283 14.94 -2.80 -7.14
CA GLY A 283 13.88 -3.57 -7.79
C GLY A 283 12.71 -3.79 -6.86
N VAL A 284 11.73 -4.55 -7.31
CA VAL A 284 10.57 -4.82 -6.47
C VAL A 284 10.91 -5.96 -5.49
N ASP A 285 12.01 -6.63 -5.81
CA ASP A 285 12.53 -7.72 -5.07
C ASP A 285 12.56 -7.68 -3.53
N TYR A 286 12.51 -8.86 -2.96
CA TYR A 286 12.53 -9.00 -1.52
C TYR A 286 13.52 -10.08 -1.03
N LYS A 287 14.00 -9.85 0.18
CA LYS A 287 14.93 -10.75 0.81
C LYS A 287 14.27 -11.75 1.78
N ASP A 288 14.98 -12.82 2.05
CA ASP A 288 14.46 -13.83 2.95
C ASP A 288 14.43 -13.33 4.41
N GLY A 289 13.44 -13.82 5.13
CA GLY A 289 13.27 -13.47 6.51
C GLY A 289 12.25 -12.34 6.72
N THR A 290 12.28 -11.39 5.80
CA THR A 290 11.40 -10.26 5.84
C THR A 290 9.98 -10.48 5.29
N LEU A 291 9.77 -11.64 4.70
CA LEU A 291 8.48 -11.95 4.12
C LEU A 291 7.30 -12.26 5.04
N THR A 292 7.27 -11.60 6.17
CA THR A 292 6.20 -11.80 7.12
C THR A 292 5.64 -10.52 7.71
N PRO A 293 4.57 -10.03 7.11
CA PRO A 293 3.97 -8.80 7.61
C PRO A 293 2.95 -8.72 8.75
N LEU A 294 1.96 -9.60 8.68
CA LEU A 294 0.92 -9.60 9.71
C LEU A 294 1.32 -10.35 10.99
N SER A 295 0.63 -10.00 12.06
CA SER A 295 0.91 -10.65 13.34
C SER A 295 -0.13 -11.70 13.76
N THR A 296 0.08 -12.24 14.96
CA THR A 296 -0.85 -13.25 15.46
C THR A 296 -2.08 -12.56 16.09
N LYS A 297 -3.21 -13.22 15.90
CA LYS A 297 -4.46 -12.75 16.40
C LYS A 297 -5.39 -13.97 16.23
N ASP A 298 -6.37 -14.05 17.12
CA ASP A 298 -7.30 -15.17 17.04
C ASP A 298 -8.63 -14.90 16.29
N LEU A 299 -9.00 -15.88 15.50
CA LEU A 299 -10.21 -15.82 14.73
C LEU A 299 -11.48 -15.61 15.57
N THR A 300 -11.37 -15.99 16.83
CA THR A 300 -12.48 -15.85 17.74
C THR A 300 -12.41 -14.76 18.80
N THR A 301 -11.28 -14.09 18.86
CA THR A 301 -11.12 -13.02 19.83
C THR A 301 -11.21 -11.69 19.13
N TYR A 302 -12.08 -10.83 19.62
CA TYR A 302 -12.21 -9.51 18.99
C TYR A 302 -10.96 -8.68 19.23
N ALA B 6 -38.58 -9.47 -20.86
CA ALA B 6 -39.13 -9.55 -22.28
C ALA B 6 -38.59 -10.71 -23.13
N CYS B 7 -37.29 -10.64 -23.39
CA CYS B 7 -36.64 -11.67 -24.17
C CYS B 7 -35.51 -12.37 -23.40
N GLY B 8 -35.70 -12.41 -22.09
CA GLY B 8 -34.72 -13.04 -21.22
C GLY B 8 -33.20 -12.95 -21.43
N TYR B 9 -32.75 -11.73 -21.70
CA TYR B 9 -31.33 -11.51 -21.91
C TYR B 9 -30.58 -11.54 -20.55
N SER B 10 -29.76 -12.56 -20.43
CA SER B 10 -28.99 -12.74 -19.22
C SER B 10 -27.59 -12.11 -19.19
N ASP B 11 -27.21 -11.67 -18.01
CA ASP B 11 -25.91 -11.06 -17.82
C ASP B 11 -24.94 -12.24 -17.52
N ARG B 12 -25.43 -13.41 -17.88
CA ARG B 12 -24.73 -14.63 -17.70
C ARG B 12 -24.45 -15.19 -19.09
N VAL B 13 -25.33 -14.86 -20.02
CA VAL B 13 -25.18 -15.33 -21.38
C VAL B 13 -24.55 -14.17 -22.14
N LEU B 14 -23.31 -14.36 -22.56
CA LEU B 14 -22.60 -13.34 -23.30
C LEU B 14 -21.98 -13.95 -24.54
N GLN B 15 -21.71 -13.11 -25.53
CA GLN B 15 -21.10 -13.59 -26.76
C GLN B 15 -20.07 -12.59 -27.29
N LEU B 16 -18.82 -12.99 -27.20
CA LEU B 16 -17.73 -12.16 -27.66
C LEU B 16 -17.32 -12.57 -29.06
N THR B 17 -17.18 -11.58 -29.93
CA THR B 17 -16.80 -11.86 -31.30
C THR B 17 -15.82 -10.83 -31.87
N LEU B 18 -14.66 -11.32 -32.26
CA LEU B 18 -13.63 -10.50 -32.82
C LEU B 18 -13.04 -11.32 -33.94
N GLY B 19 -12.84 -10.69 -35.07
CA GLY B 19 -12.26 -11.38 -36.21
C GLY B 19 -13.06 -12.58 -36.63
N ASN B 20 -12.38 -13.71 -36.80
CA ASN B 20 -13.08 -14.92 -37.19
C ASN B 20 -13.49 -15.88 -36.08
N SER B 21 -13.42 -15.40 -34.85
CA SER B 21 -13.78 -16.24 -33.72
C SER B 21 -14.91 -15.67 -32.85
N THR B 22 -15.58 -16.57 -32.16
CA THR B 22 -16.68 -16.19 -31.30
C THR B 22 -16.72 -17.10 -30.08
N ILE B 23 -16.73 -16.50 -28.91
CA ILE B 23 -16.77 -17.24 -27.68
C ILE B 23 -18.09 -16.90 -27.04
N THR B 24 -18.94 -17.90 -26.86
CA THR B 24 -20.23 -17.66 -26.23
C THR B 24 -20.02 -18.10 -24.80
N THR B 25 -21.08 -18.12 -24.03
CA THR B 25 -21.00 -18.53 -22.64
C THR B 25 -22.34 -18.38 -21.96
N GLN B 26 -22.65 -19.31 -21.07
CA GLN B 26 -23.92 -19.25 -20.37
C GLN B 26 -23.85 -18.87 -18.92
N GLU B 27 -22.71 -19.12 -18.30
CA GLU B 27 -22.57 -18.78 -16.88
C GLU B 27 -21.50 -17.72 -16.73
N ALA B 28 -21.80 -16.53 -17.23
CA ALA B 28 -20.87 -15.43 -17.13
C ALA B 28 -21.26 -14.50 -15.99
N ALA B 29 -20.29 -13.76 -15.50
CA ALA B 29 -20.54 -12.84 -14.40
C ALA B 29 -20.42 -11.44 -15.02
N ASN B 30 -21.03 -11.32 -16.19
CA ASN B 30 -21.03 -10.06 -16.91
C ASN B 30 -19.57 -9.85 -17.32
N SER B 31 -19.23 -8.61 -17.60
CA SER B 31 -17.86 -8.29 -18.00
C SER B 31 -17.31 -6.94 -17.53
N VAL B 32 -16.02 -6.92 -17.29
CA VAL B 32 -15.36 -5.70 -16.84
C VAL B 32 -14.52 -5.01 -17.90
N VAL B 33 -14.73 -3.72 -18.04
CA VAL B 33 -14.00 -2.92 -19.00
C VAL B 33 -13.02 -2.15 -18.12
N ALA B 34 -11.86 -2.75 -17.89
CA ALA B 34 -10.85 -2.14 -17.08
C ALA B 34 -10.78 -0.62 -17.12
N TYR B 35 -10.75 -0.03 -15.95
CA TYR B 35 -10.69 1.42 -15.83
C TYR B 35 -11.80 2.23 -16.47
N GLY B 36 -12.67 1.54 -17.18
CA GLY B 36 -13.77 2.21 -17.85
C GLY B 36 -13.41 2.87 -19.17
N ARG B 37 -12.38 2.35 -19.81
CA ARG B 37 -11.93 2.85 -21.07
C ARG B 37 -11.92 1.68 -22.01
N TRP B 38 -12.65 1.79 -23.10
CA TRP B 38 -12.68 0.70 -24.06
C TRP B 38 -11.49 0.97 -24.96
N PRO B 39 -10.79 -0.08 -25.36
CA PRO B 39 -9.63 0.10 -26.22
C PRO B 39 -9.91 0.89 -27.48
N GLU B 40 -8.88 1.53 -28.00
CA GLU B 40 -9.05 2.32 -29.21
C GLU B 40 -7.75 2.62 -29.93
N TYR B 41 -7.84 2.92 -31.20
CA TYR B 41 -6.61 3.23 -31.96
C TYR B 41 -5.96 4.55 -31.58
N LEU B 42 -4.65 4.60 -31.71
CA LEU B 42 -3.89 5.77 -31.38
C LEU B 42 -4.37 7.06 -32.06
N ARG B 43 -4.74 8.01 -31.22
CA ARG B 43 -5.22 9.29 -31.70
C ARG B 43 -4.13 10.20 -32.26
N ASP B 44 -4.57 11.20 -33.01
CA ASP B 44 -3.66 12.14 -33.60
C ASP B 44 -3.13 13.20 -32.63
N SER B 45 -3.84 13.34 -31.54
CA SER B 45 -3.48 14.29 -30.51
C SER B 45 -2.26 13.73 -29.77
N GLU B 46 -2.30 12.43 -29.54
CA GLU B 46 -1.23 11.76 -28.85
C GLU B 46 -0.35 10.90 -29.72
N ALA B 47 -0.45 11.11 -31.03
CA ALA B 47 0.37 10.33 -31.95
C ALA B 47 1.82 10.65 -31.67
N ASN B 48 2.70 9.80 -32.13
CA ASN B 48 4.12 10.03 -31.89
C ASN B 48 4.96 9.70 -33.10
N PRO B 49 5.17 8.42 -33.37
CA PRO B 49 5.97 8.06 -34.55
C PRO B 49 5.34 8.52 -35.86
N VAL B 50 6.16 9.09 -36.71
CA VAL B 50 5.67 9.59 -37.98
C VAL B 50 5.22 8.82 -39.22
N ASP B 51 5.72 7.60 -39.34
CA ASP B 51 5.34 6.77 -40.48
C ASP B 51 3.93 6.19 -40.35
N GLN B 52 3.37 5.79 -41.47
CA GLN B 52 2.04 5.21 -41.46
C GLN B 52 1.97 3.96 -40.61
N PRO B 53 0.96 3.88 -39.76
CA PRO B 53 0.84 2.70 -38.90
C PRO B 53 0.09 1.53 -39.53
N THR B 54 0.59 0.35 -39.27
CA THR B 54 -0.01 -0.86 -39.79
C THR B 54 -1.14 -1.18 -38.83
N GLU B 55 -2.29 -1.56 -39.37
CA GLU B 55 -3.43 -1.89 -38.56
C GLU B 55 -3.94 -3.26 -39.00
N PRO B 56 -3.23 -4.30 -38.58
CA PRO B 56 -3.60 -5.65 -38.93
C PRO B 56 -5.03 -6.12 -38.80
N ASP B 57 -5.81 -5.39 -38.02
CA ASP B 57 -7.20 -5.73 -37.83
C ASP B 57 -7.50 -7.22 -37.65
N VAL B 58 -8.53 -7.68 -38.33
CA VAL B 58 -8.94 -9.05 -38.27
C VAL B 58 -7.83 -10.08 -38.30
N ALA B 59 -6.76 -9.76 -39.01
CA ALA B 59 -5.63 -10.65 -39.11
C ALA B 59 -4.93 -10.77 -37.75
N ALA B 60 -5.33 -9.90 -36.84
CA ALA B 60 -4.76 -9.89 -35.52
C ALA B 60 -5.83 -9.85 -34.43
N CYS B 61 -6.89 -9.13 -34.70
CA CYS B 61 -7.97 -9.01 -33.74
C CYS B 61 -8.84 -10.25 -33.64
N ARG B 62 -8.24 -11.33 -33.19
CA ARG B 62 -8.97 -12.58 -33.05
C ARG B 62 -8.53 -13.46 -31.89
N PHE B 63 -9.51 -14.04 -31.22
CA PHE B 63 -9.22 -14.91 -30.10
C PHE B 63 -8.25 -16.09 -30.27
N TYR B 64 -7.11 -15.99 -29.59
CA TYR B 64 -6.12 -17.02 -29.65
C TYR B 64 -6.25 -17.71 -28.29
N THR B 65 -6.04 -19.00 -28.29
CA THR B 65 -6.15 -19.77 -27.06
C THR B 65 -4.80 -20.29 -26.57
N LEU B 66 -4.42 -19.84 -25.39
CA LEU B 66 -3.17 -20.26 -24.81
C LEU B 66 -3.38 -21.67 -24.24
N ASP B 67 -2.28 -22.33 -23.96
CA ASP B 67 -2.35 -23.68 -23.42
C ASP B 67 -2.97 -23.83 -22.02
N THR B 68 -3.83 -24.82 -21.91
CA THR B 68 -4.52 -25.10 -20.68
C THR B 68 -3.72 -25.63 -19.47
N VAL B 69 -4.14 -25.18 -18.30
CA VAL B 69 -3.51 -25.59 -17.07
C VAL B 69 -4.35 -26.54 -16.21
N SER B 70 -3.70 -27.16 -15.25
CA SER B 70 -4.39 -28.08 -14.37
C SER B 70 -4.63 -27.64 -12.92
N TRP B 71 -5.87 -27.39 -12.60
CA TRP B 71 -6.22 -26.97 -11.25
C TRP B 71 -6.46 -28.03 -10.19
N THR B 72 -5.55 -28.08 -9.23
CA THR B 72 -5.64 -29.04 -8.15
C THR B 72 -5.50 -28.38 -6.78
N LYS B 73 -5.41 -29.20 -5.76
CA LYS B 73 -5.27 -28.68 -4.40
C LYS B 73 -3.90 -28.03 -4.13
N GLU B 74 -2.91 -28.52 -4.85
CA GLU B 74 -1.57 -28.01 -4.73
C GLU B 74 -1.22 -26.84 -5.67
N SER B 75 -2.22 -26.39 -6.39
CA SER B 75 -2.03 -25.29 -7.31
C SER B 75 -1.91 -24.06 -6.43
N ARG B 76 -0.85 -23.31 -6.64
CA ARG B 76 -0.65 -22.11 -5.84
C ARG B 76 -1.06 -20.87 -6.64
N GLY B 77 -0.91 -20.97 -7.95
CA GLY B 77 -1.25 -19.86 -8.82
C GLY B 77 -0.55 -19.91 -10.17
N TRP B 78 -0.99 -19.06 -11.08
CA TRP B 78 -0.39 -19.00 -12.41
C TRP B 78 -0.29 -17.58 -12.93
N TRP B 79 0.71 -17.33 -13.75
CA TRP B 79 0.88 -16.00 -14.30
C TRP B 79 1.36 -15.89 -15.75
N TRP B 80 0.78 -14.94 -16.46
CA TRP B 80 1.13 -14.72 -17.85
C TRP B 80 1.28 -13.25 -18.22
N LYS B 81 2.28 -12.96 -19.02
CA LYS B 81 2.52 -11.60 -19.45
C LYS B 81 2.05 -11.38 -20.88
N LEU B 82 1.77 -10.13 -21.20
CA LEU B 82 1.33 -9.76 -22.53
C LEU B 82 2.26 -8.67 -22.97
N PRO B 83 2.50 -8.52 -24.26
CA PRO B 83 1.94 -9.34 -25.26
C PRO B 83 2.63 -10.70 -25.27
N ASP B 84 3.67 -10.81 -24.46
CA ASP B 84 4.42 -12.03 -24.36
C ASP B 84 3.69 -13.31 -24.76
N ALA B 85 2.86 -13.80 -23.86
CA ALA B 85 2.11 -15.01 -24.13
C ALA B 85 1.65 -15.21 -25.57
N LEU B 86 1.17 -14.14 -26.16
CA LEU B 86 0.70 -14.20 -27.53
C LEU B 86 1.79 -13.88 -28.53
N ARG B 87 2.96 -14.48 -28.35
CA ARG B 87 4.06 -14.22 -29.27
C ARG B 87 4.18 -15.25 -30.39
N ASP B 88 3.37 -16.29 -30.28
CA ASP B 88 3.38 -17.35 -31.27
C ASP B 88 2.01 -17.50 -31.93
N MET B 89 1.16 -16.51 -31.67
CA MET B 89 -0.17 -16.51 -32.19
C MET B 89 -0.42 -15.95 -33.59
N GLY B 90 -0.28 -16.83 -34.57
CA GLY B 90 -0.49 -16.44 -35.96
C GLY B 90 0.06 -15.10 -36.38
N LEU B 91 -0.74 -14.32 -37.08
CA LEU B 91 -0.26 -13.01 -37.52
C LEU B 91 0.12 -12.00 -36.45
N PHE B 92 -0.63 -12.02 -35.34
CA PHE B 92 -0.33 -11.09 -34.26
C PHE B 92 1.05 -11.42 -33.70
N GLY B 93 1.43 -12.68 -33.84
CA GLY B 93 2.71 -13.14 -33.37
C GLY B 93 3.68 -12.56 -34.38
N GLN B 94 3.37 -12.73 -35.65
CA GLN B 94 4.22 -12.22 -36.71
C GLN B 94 4.34 -10.72 -36.69
N ASN B 95 3.22 -10.01 -36.79
CA ASN B 95 3.30 -8.56 -36.77
C ASN B 95 4.06 -7.96 -35.58
N MET B 96 4.17 -8.76 -34.54
CA MET B 96 4.86 -8.35 -33.34
C MET B 96 6.35 -8.30 -33.55
N TYR B 97 6.90 -9.29 -34.23
CA TYR B 97 8.34 -9.28 -34.47
C TYR B 97 8.82 -8.34 -35.57
N TYR B 98 7.93 -8.07 -36.51
CA TYR B 98 8.27 -7.18 -37.60
C TYR B 98 8.15 -5.66 -37.42
N HIS B 99 8.14 -5.26 -36.16
CA HIS B 99 8.04 -3.83 -35.86
C HIS B 99 8.83 -3.41 -34.62
N TYR B 100 9.08 -2.11 -34.54
CA TYR B 100 9.80 -1.56 -33.42
C TYR B 100 8.75 -1.21 -32.38
N LEU B 101 7.70 -0.55 -32.84
CA LEU B 101 6.63 -0.15 -31.96
C LEU B 101 5.32 -0.90 -32.15
N GLY B 102 4.53 -0.97 -31.10
CA GLY B 102 3.26 -1.66 -31.17
C GLY B 102 2.36 -1.63 -29.94
N ARG B 103 1.24 -0.95 -30.08
CA ARG B 103 0.30 -0.85 -28.98
C ARG B 103 -0.85 -1.80 -29.27
N SER B 104 -1.37 -2.41 -28.23
CA SER B 104 -2.46 -3.34 -28.38
C SER B 104 -3.31 -3.47 -27.11
N GLY B 105 -4.60 -3.69 -27.32
CA GLY B 105 -5.51 -3.84 -26.20
C GLY B 105 -5.61 -5.34 -26.02
N TYR B 106 -6.48 -5.76 -25.12
CA TYR B 106 -6.65 -7.18 -24.87
C TYR B 106 -8.03 -7.47 -24.28
N THR B 107 -8.52 -8.67 -24.54
CA THR B 107 -9.81 -9.09 -24.04
C THR B 107 -9.41 -10.46 -23.54
N VAL B 108 -9.44 -10.63 -22.23
CA VAL B 108 -9.07 -11.90 -21.65
C VAL B 108 -10.34 -12.61 -21.18
N HIS B 109 -10.54 -13.82 -21.66
CA HIS B 109 -11.69 -14.60 -21.31
C HIS B 109 -11.25 -15.92 -20.67
N VAL B 110 -11.09 -15.88 -19.35
CA VAL B 110 -10.67 -17.05 -18.62
C VAL B 110 -11.84 -18.01 -18.34
N GLN B 111 -11.81 -19.12 -19.04
CA GLN B 111 -12.81 -20.14 -18.93
C GLN B 111 -12.39 -21.21 -17.94
N CYS B 112 -13.37 -21.85 -17.34
CA CYS B 112 -13.10 -22.90 -16.38
C CYS B 112 -14.39 -23.29 -15.70
N ASN B 113 -14.88 -24.47 -16.00
CA ASN B 113 -16.13 -24.91 -15.38
C ASN B 113 -16.01 -26.21 -14.59
N ALA B 114 -16.86 -26.35 -13.59
CA ALA B 114 -16.87 -27.51 -12.76
C ALA B 114 -18.28 -28.08 -12.90
N SER B 115 -18.95 -28.23 -11.78
CA SER B 115 -20.30 -28.75 -11.77
C SER B 115 -20.83 -28.32 -10.41
N LYS B 116 -22.14 -28.36 -10.27
CA LYS B 116 -22.76 -27.97 -9.02
C LYS B 116 -22.19 -28.67 -7.77
N PHE B 117 -21.37 -29.66 -8.03
CA PHE B 117 -20.74 -30.43 -6.98
C PHE B 117 -19.27 -30.17 -6.65
N HIS B 118 -18.75 -29.09 -7.21
CA HIS B 118 -17.39 -28.70 -6.98
C HIS B 118 -17.49 -27.36 -6.26
N GLN B 119 -16.36 -26.88 -5.77
CA GLN B 119 -16.35 -25.60 -5.08
C GLN B 119 -14.95 -24.98 -5.09
N GLY B 120 -14.92 -23.67 -4.97
CA GLY B 120 -13.66 -22.95 -4.97
C GLY B 120 -13.76 -21.62 -5.70
N ALA B 121 -12.74 -20.80 -5.55
CA ALA B 121 -12.74 -19.51 -6.21
C ALA B 121 -11.41 -19.06 -6.81
N LEU B 122 -11.47 -18.66 -8.06
CA LEU B 122 -10.30 -18.21 -8.78
C LEU B 122 -10.44 -16.72 -9.08
N GLY B 123 -9.44 -15.96 -8.70
CA GLY B 123 -9.46 -14.53 -8.94
C GLY B 123 -8.57 -14.19 -10.12
N VAL B 124 -9.17 -13.65 -11.16
CA VAL B 124 -8.41 -13.29 -12.35
C VAL B 124 -8.08 -11.81 -12.21
N PHE B 125 -6.79 -11.53 -12.10
CA PHE B 125 -6.34 -10.15 -11.95
C PHE B 125 -5.54 -9.68 -13.17
N ALA B 126 -5.73 -8.41 -13.50
CA ALA B 126 -5.05 -7.83 -14.61
C ALA B 126 -4.19 -6.67 -14.11
N VAL B 127 -2.99 -7.02 -13.67
CA VAL B 127 -2.07 -6.04 -13.15
C VAL B 127 -1.29 -5.31 -14.23
N PRO B 128 -1.42 -3.98 -14.24
CA PRO B 128 -0.69 -3.21 -15.24
C PRO B 128 0.75 -3.15 -14.78
N GLU B 129 1.67 -3.46 -15.67
CA GLU B 129 3.08 -3.44 -15.35
C GLU B 129 3.32 -4.39 -14.18
N MET B 130 3.16 -5.66 -14.45
CA MET B 130 3.34 -6.67 -13.40
C MET B 130 4.78 -7.14 -13.25
N CYS B 131 5.54 -6.42 -12.45
CA CYS B 131 6.93 -6.79 -12.24
C CYS B 131 6.95 -7.87 -11.17
N LEU B 132 7.53 -9.00 -11.49
CA LEU B 132 7.59 -10.08 -10.51
C LEU B 132 8.95 -10.13 -9.83
N ALA B 133 8.98 -10.71 -8.64
CA ALA B 133 10.22 -10.81 -7.90
C ALA B 133 11.14 -11.97 -8.26
N GLY B 134 12.40 -11.82 -7.92
CA GLY B 134 13.39 -12.83 -8.20
C GLY B 134 13.49 -14.06 -7.31
N ASP B 135 14.53 -14.83 -7.53
CA ASP B 135 14.72 -16.04 -6.74
C ASP B 135 15.97 -16.07 -5.83
N SER B 136 16.92 -15.22 -6.17
CA SER B 136 18.15 -15.13 -5.42
C SER B 136 18.01 -13.99 -4.40
N ASN B 137 18.58 -14.21 -3.25
CA ASN B 137 18.55 -13.23 -2.19
C ASN B 137 19.87 -12.45 -2.12
N THR B 138 20.72 -12.71 -3.09
CA THR B 138 22.01 -12.07 -3.17
C THR B 138 22.11 -11.06 -4.31
N THR B 139 21.39 -11.34 -5.38
CA THR B 139 21.42 -10.46 -6.53
C THR B 139 20.04 -9.94 -7.02
N THR B 140 19.89 -8.63 -6.89
CA THR B 140 18.67 -7.97 -7.28
C THR B 140 18.41 -7.81 -8.77
N MET B 141 17.13 -7.83 -9.11
CA MET B 141 16.70 -7.68 -10.49
C MET B 141 17.56 -8.40 -11.50
N HIS B 142 18.11 -9.53 -11.10
CA HIS B 142 18.96 -10.30 -12.00
C HIS B 142 18.36 -11.24 -13.05
N THR B 143 17.13 -11.62 -12.80
CA THR B 143 16.40 -12.50 -13.67
C THR B 143 16.60 -12.34 -15.18
N SER B 144 16.89 -13.44 -15.84
CA SER B 144 17.11 -13.42 -17.28
C SER B 144 15.91 -13.29 -18.20
N TYR B 145 16.16 -12.80 -19.40
CA TYR B 145 15.10 -12.63 -20.37
C TYR B 145 14.23 -13.86 -20.66
N GLN B 146 14.90 -14.99 -20.81
CA GLN B 146 14.21 -16.23 -21.08
C GLN B 146 13.19 -16.53 -19.98
N ASN B 147 13.67 -16.46 -18.75
CA ASN B 147 12.83 -16.73 -17.61
C ASN B 147 11.71 -15.69 -17.48
N ALA B 148 12.06 -14.45 -17.75
CA ALA B 148 11.09 -13.38 -17.66
C ALA B 148 9.93 -13.48 -18.64
N ASN B 149 10.19 -14.07 -19.78
CA ASN B 149 9.15 -14.23 -20.79
C ASN B 149 8.91 -15.71 -21.03
N PRO B 150 7.99 -16.28 -20.28
CA PRO B 150 7.68 -17.69 -20.43
C PRO B 150 6.82 -18.07 -21.62
N GLY B 151 6.32 -17.06 -22.30
CA GLY B 151 5.47 -17.32 -23.46
C GLY B 151 4.09 -17.89 -23.17
N GLU B 152 3.61 -18.72 -24.07
CA GLU B 152 2.30 -19.31 -23.90
C GLU B 152 2.11 -20.33 -22.79
N LYS B 153 3.21 -20.81 -22.24
CA LYS B 153 3.11 -21.79 -21.17
C LYS B 153 2.94 -21.10 -19.82
N GLY B 154 3.53 -19.92 -19.70
CA GLY B 154 3.44 -19.18 -18.46
C GLY B 154 4.23 -19.82 -17.31
N GLY B 155 4.25 -19.12 -16.19
CA GLY B 155 4.94 -19.59 -15.01
C GLY B 155 3.96 -19.74 -13.89
N THR B 156 4.45 -20.13 -12.72
CA THR B 156 3.55 -20.32 -11.57
C THR B 156 3.99 -19.76 -10.23
N PHE B 157 3.01 -19.46 -9.38
CA PHE B 157 3.31 -18.95 -8.06
C PHE B 157 3.71 -20.10 -7.15
N THR B 158 4.33 -19.77 -6.04
CA THR B 158 4.76 -20.78 -5.09
C THR B 158 4.42 -20.51 -3.61
N GLY B 159 4.27 -21.60 -2.88
CA GLY B 159 3.96 -21.51 -1.47
C GLY B 159 5.01 -21.01 -0.51
N THR B 160 6.26 -21.07 -0.94
CA THR B 160 7.36 -20.62 -0.09
C THR B 160 8.54 -20.07 -0.89
N PHE B 161 9.16 -19.04 -0.33
CA PHE B 161 10.31 -18.45 -1.00
C PHE B 161 11.55 -19.33 -0.77
N THR B 162 12.15 -19.74 -1.88
CA THR B 162 13.33 -20.57 -1.81
C THR B 162 14.43 -19.80 -2.53
N PRO B 163 15.45 -19.43 -1.78
CA PRO B 163 16.55 -18.69 -2.36
C PRO B 163 17.38 -19.45 -3.41
N ASP B 164 17.90 -18.69 -4.36
CA ASP B 164 18.71 -19.27 -5.40
C ASP B 164 20.12 -19.26 -4.77
N ASN B 165 20.60 -20.46 -4.50
CA ASN B 165 21.91 -20.59 -3.89
C ASN B 165 23.14 -20.90 -4.74
N ASN B 166 22.89 -21.13 -6.02
CA ASN B 166 24.02 -21.43 -6.91
C ASN B 166 24.41 -20.02 -7.44
N GLN B 167 25.56 -19.59 -6.94
CA GLN B 167 26.09 -18.30 -7.28
C GLN B 167 27.19 -18.47 -8.38
N THR B 168 27.35 -19.72 -8.76
CA THR B 168 28.29 -20.09 -9.78
C THR B 168 27.51 -19.97 -11.10
N SER B 169 26.33 -20.57 -11.08
CA SER B 169 25.47 -20.53 -12.25
C SER B 169 24.04 -20.39 -11.76
N PRO B 170 23.72 -19.18 -11.33
CA PRO B 170 22.38 -18.91 -10.83
C PRO B 170 21.19 -19.13 -11.79
N ALA B 171 20.11 -19.59 -11.21
CA ALA B 171 18.91 -19.86 -11.97
C ALA B 171 18.25 -18.65 -12.64
N ARG B 172 18.61 -17.47 -12.15
CA ARG B 172 18.11 -16.23 -12.66
C ARG B 172 16.63 -16.14 -13.06
N ARG B 173 15.80 -16.85 -12.33
CA ARG B 173 14.37 -16.84 -12.61
C ARG B 173 13.54 -16.22 -11.49
N PHE B 174 12.24 -16.21 -11.68
CA PHE B 174 11.36 -15.65 -10.67
C PHE B 174 11.01 -16.75 -9.64
N CYS B 175 10.57 -16.29 -8.49
CA CYS B 175 10.18 -17.18 -7.43
C CYS B 175 9.14 -16.29 -6.76
N PRO B 176 7.97 -16.22 -7.36
CA PRO B 176 6.92 -15.39 -6.82
C PRO B 176 6.11 -16.08 -5.74
N VAL B 177 6.04 -15.45 -4.58
CA VAL B 177 5.29 -16.04 -3.46
C VAL B 177 3.83 -15.55 -3.47
N ASP B 178 2.94 -16.49 -3.70
CA ASP B 178 1.53 -16.23 -3.75
C ASP B 178 0.75 -15.24 -2.92
N TYR B 179 0.87 -15.35 -1.60
CA TYR B 179 0.13 -14.42 -0.74
C TYR B 179 0.63 -12.97 -0.88
N LEU B 180 1.81 -12.85 -1.47
CA LEU B 180 2.42 -11.57 -1.70
C LEU B 180 2.26 -11.13 -3.16
N LEU B 181 1.22 -11.67 -3.78
CA LEU B 181 0.92 -11.37 -5.15
C LEU B 181 2.20 -11.39 -6.01
N GLY B 182 3.16 -12.14 -5.53
CA GLY B 182 4.42 -12.29 -6.20
C GLY B 182 5.41 -11.15 -6.11
N ASN B 183 4.90 -9.93 -6.01
CA ASN B 183 5.75 -8.77 -5.93
C ASN B 183 5.75 -8.05 -4.60
N GLY B 184 5.83 -8.83 -3.53
CA GLY B 184 5.85 -8.27 -2.19
C GLY B 184 4.75 -7.31 -1.71
N THR B 185 3.52 -7.68 -2.01
CA THR B 185 2.38 -6.90 -1.62
C THR B 185 1.30 -7.87 -1.20
N LEU B 186 0.48 -7.47 -0.26
CA LEU B 186 -0.60 -8.36 0.20
C LEU B 186 -1.74 -8.67 -0.78
N LEU B 187 -1.85 -9.94 -1.11
CA LEU B 187 -2.87 -10.39 -2.03
C LEU B 187 -4.25 -9.80 -1.77
N GLY B 188 -4.66 -9.83 -0.52
CA GLY B 188 -5.94 -9.29 -0.14
C GLY B 188 -6.25 -7.90 -0.66
N ASN B 189 -5.23 -7.22 -1.15
CA ASN B 189 -5.40 -5.89 -1.67
C ASN B 189 -5.43 -5.92 -3.19
N ALA B 190 -4.91 -7.00 -3.74
CA ALA B 190 -4.89 -7.16 -5.18
C ALA B 190 -6.17 -6.70 -5.88
N PHE B 191 -7.26 -6.77 -5.15
CA PHE B 191 -8.54 -6.36 -5.68
C PHE B 191 -8.67 -4.93 -6.20
N VAL B 192 -7.54 -4.24 -6.27
CA VAL B 192 -7.55 -2.88 -6.76
C VAL B 192 -7.37 -2.78 -8.28
N PHE B 193 -6.83 -3.84 -8.84
CA PHE B 193 -6.60 -3.89 -10.28
C PHE B 193 -7.87 -4.44 -10.86
N PRO B 194 -8.14 -4.16 -12.13
CA PRO B 194 -9.35 -4.70 -12.74
C PRO B 194 -9.37 -6.20 -12.56
N HIS B 195 -10.48 -6.73 -12.11
CA HIS B 195 -10.57 -8.17 -11.90
C HIS B 195 -11.97 -8.76 -11.76
N GLN B 196 -12.02 -10.08 -11.72
CA GLN B 196 -13.27 -10.79 -11.57
C GLN B 196 -12.94 -12.06 -10.81
N ILE B 197 -13.91 -12.58 -10.08
CA ILE B 197 -13.69 -13.79 -9.33
C ILE B 197 -14.56 -14.88 -9.93
N ILE B 198 -13.94 -16.01 -10.22
CA ILE B 198 -14.67 -17.12 -10.79
C ILE B 198 -14.97 -17.99 -9.55
N ASN B 199 -16.21 -17.91 -9.11
CA ASN B 199 -16.64 -18.66 -7.96
C ASN B 199 -17.48 -19.79 -8.52
N LEU B 200 -16.92 -20.99 -8.50
CA LEU B 200 -17.60 -22.16 -9.00
C LEU B 200 -19.12 -22.35 -8.87
N ARG B 201 -19.68 -21.74 -7.86
CA ARG B 201 -21.09 -21.84 -7.62
C ARG B 201 -21.92 -20.92 -8.52
N THR B 202 -21.31 -19.82 -8.91
CA THR B 202 -22.00 -18.85 -9.74
C THR B 202 -21.76 -18.84 -11.26
N ASN B 203 -20.52 -18.60 -11.63
CA ASN B 203 -20.13 -18.53 -13.01
C ASN B 203 -19.06 -19.52 -13.42
N ASN B 204 -18.77 -19.55 -14.71
CA ASN B 204 -17.76 -20.46 -15.23
C ASN B 204 -16.75 -19.78 -16.17
N CYS B 205 -16.75 -18.46 -16.13
CA CYS B 205 -15.85 -17.69 -16.95
C CYS B 205 -15.70 -16.28 -16.37
N ALA B 206 -14.71 -15.57 -16.89
CA ALA B 206 -14.42 -14.23 -16.46
C ALA B 206 -14.10 -13.48 -17.74
N THR B 207 -14.50 -12.22 -17.79
CA THR B 207 -14.24 -11.42 -18.98
C THR B 207 -13.79 -9.97 -18.69
N LEU B 208 -12.50 -9.75 -18.89
CA LEU B 208 -11.92 -8.46 -18.68
C LEU B 208 -11.45 -7.91 -20.02
N VAL B 209 -11.75 -6.65 -20.26
CA VAL B 209 -11.36 -6.01 -21.49
C VAL B 209 -10.40 -4.93 -20.99
N LEU B 210 -9.15 -5.04 -21.41
CA LEU B 210 -8.14 -4.10 -21.02
C LEU B 210 -7.65 -3.18 -22.10
N PRO B 211 -7.67 -1.88 -21.85
CA PRO B 211 -7.20 -0.95 -22.87
C PRO B 211 -5.72 -0.71 -22.64
N TYR B 212 -4.98 -0.58 -23.72
CA TYR B 212 -3.54 -0.36 -23.61
C TYR B 212 -3.15 0.68 -22.57
N VAL B 213 -2.36 0.25 -21.60
CA VAL B 213 -1.91 1.15 -20.56
C VAL B 213 -0.39 1.11 -20.39
N ASN B 214 0.22 2.25 -20.68
CA ASN B 214 1.64 2.38 -20.57
C ASN B 214 2.01 3.88 -20.46
N SER B 215 3.28 4.11 -20.20
CA SER B 215 3.81 5.42 -20.07
C SER B 215 4.01 6.16 -21.39
N LEU B 216 3.96 5.42 -22.47
CA LEU B 216 4.14 5.98 -23.78
C LEU B 216 2.87 5.88 -24.63
N SER B 217 2.94 6.47 -25.81
CA SER B 217 1.82 6.44 -26.72
C SER B 217 1.81 5.06 -27.38
N ILE B 218 3.00 4.60 -27.72
CA ILE B 218 3.17 3.32 -28.35
C ILE B 218 4.55 2.93 -27.84
N ASP B 219 4.82 1.64 -27.84
CA ASP B 219 6.11 1.17 -27.35
C ASP B 219 6.57 -0.15 -28.02
N SER B 220 7.73 -0.60 -27.60
CA SER B 220 8.30 -1.81 -28.09
C SER B 220 7.56 -2.94 -27.39
N MET B 221 7.21 -3.96 -28.16
CA MET B 221 6.51 -5.10 -27.57
C MET B 221 7.55 -6.06 -27.02
N VAL B 222 8.44 -6.51 -27.89
CA VAL B 222 9.46 -7.44 -27.49
C VAL B 222 10.16 -7.06 -26.19
N LYS B 223 10.28 -5.77 -25.96
CA LYS B 223 10.93 -5.30 -24.75
C LYS B 223 10.09 -5.19 -23.45
N HIS B 224 9.18 -4.24 -23.47
CA HIS B 224 8.31 -3.97 -22.38
C HIS B 224 6.91 -4.58 -22.38
N ASN B 225 6.65 -5.39 -21.37
CA ASN B 225 5.36 -6.03 -21.25
C ASN B 225 4.41 -5.03 -20.61
N ASN B 226 3.25 -4.86 -21.23
CA ASN B 226 2.27 -3.92 -20.73
C ASN B 226 1.51 -4.57 -19.59
N TRP B 227 0.62 -5.48 -19.94
CA TRP B 227 -0.18 -6.18 -18.95
C TRP B 227 0.33 -7.48 -18.28
N GLY B 228 -0.40 -7.86 -17.25
CA GLY B 228 -0.08 -9.05 -16.51
C GLY B 228 -1.31 -9.75 -15.92
N ILE B 229 -1.58 -10.93 -16.44
CA ILE B 229 -2.70 -11.71 -15.98
C ILE B 229 -2.22 -12.77 -14.99
N ALA B 230 -2.70 -12.64 -13.77
CA ALA B 230 -2.35 -13.57 -12.72
C ALA B 230 -3.64 -14.19 -12.21
N ILE B 231 -3.61 -15.50 -12.03
CA ILE B 231 -4.78 -16.21 -11.54
C ILE B 231 -4.39 -17.01 -10.31
N LEU B 232 -5.00 -16.67 -9.19
CA LEU B 232 -4.72 -17.35 -7.95
C LEU B 232 -5.98 -17.94 -7.35
N PRO B 233 -5.85 -19.08 -6.70
CA PRO B 233 -7.01 -19.70 -6.09
C PRO B 233 -7.37 -19.10 -4.75
N LEU B 234 -8.38 -18.26 -4.73
CA LEU B 234 -8.81 -17.63 -3.50
C LEU B 234 -9.29 -18.69 -2.51
N ALA B 235 -10.13 -19.57 -3.00
CA ALA B 235 -10.67 -20.63 -2.18
C ALA B 235 -10.18 -21.89 -2.85
N PRO B 236 -9.56 -22.78 -2.08
CA PRO B 236 -9.06 -24.02 -2.65
C PRO B 236 -10.09 -24.98 -3.25
N LEU B 237 -9.63 -25.78 -4.20
CA LEU B 237 -10.51 -26.72 -4.85
C LEU B 237 -10.84 -28.09 -4.24
N ASN B 238 -12.07 -28.24 -3.83
CA ASN B 238 -12.52 -29.49 -3.25
C ASN B 238 -13.72 -30.05 -4.00
N PHE B 239 -13.76 -31.36 -4.10
CA PHE B 239 -14.83 -32.04 -4.79
C PHE B 239 -15.32 -33.35 -4.18
N ALA B 240 -16.62 -33.46 -4.05
CA ALA B 240 -17.23 -34.63 -3.48
C ALA B 240 -16.57 -34.96 -2.12
N SER B 241 -16.09 -36.19 -2.06
CA SER B 241 -15.44 -36.70 -0.92
C SER B 241 -14.14 -37.21 -1.61
N GLU B 242 -13.88 -36.58 -2.75
CA GLU B 242 -12.73 -36.91 -3.54
C GLU B 242 -11.34 -36.31 -3.19
N SER B 243 -10.41 -37.22 -3.00
CA SER B 243 -9.06 -36.90 -2.67
C SER B 243 -8.24 -36.21 -3.76
N SER B 244 -8.59 -36.52 -5.00
CA SER B 244 -7.87 -35.93 -6.12
C SER B 244 -8.73 -35.29 -7.18
N PRO B 245 -9.38 -34.17 -6.81
CA PRO B 245 -10.22 -33.51 -7.82
C PRO B 245 -9.39 -32.63 -8.74
N GLU B 246 -9.84 -32.50 -9.98
CA GLU B 246 -9.11 -31.68 -10.93
C GLU B 246 -9.97 -31.18 -12.09
N ILE B 247 -9.93 -29.89 -12.34
CA ILE B 247 -10.69 -29.30 -13.42
C ILE B 247 -9.74 -28.37 -14.13
N PRO B 248 -9.82 -28.33 -15.44
CA PRO B 248 -8.91 -27.44 -16.18
C PRO B 248 -9.34 -25.99 -16.42
N ILE B 249 -8.34 -25.12 -16.48
CA ILE B 249 -8.60 -23.71 -16.69
C ILE B 249 -7.90 -23.31 -17.99
N THR B 250 -8.62 -22.58 -18.82
CA THR B 250 -8.07 -22.14 -20.09
C THR B 250 -8.22 -20.66 -20.39
N LEU B 251 -7.12 -20.03 -20.77
CA LEU B 251 -7.16 -18.61 -21.08
C LEU B 251 -7.17 -18.40 -22.60
N THR B 252 -8.11 -17.60 -23.04
CA THR B 252 -8.22 -17.31 -24.45
C THR B 252 -8.16 -15.77 -24.48
N ILE B 253 -7.00 -15.28 -24.89
CA ILE B 253 -6.78 -13.85 -24.95
C ILE B 253 -7.05 -13.37 -26.36
N ALA B 254 -7.16 -12.07 -26.53
CA ALA B 254 -7.41 -11.50 -27.83
C ALA B 254 -6.97 -10.06 -27.99
N PRO B 255 -6.10 -9.82 -28.95
CA PRO B 255 -5.62 -8.48 -29.21
C PRO B 255 -6.70 -7.64 -29.86
N MET B 256 -6.77 -6.38 -29.46
CA MET B 256 -7.75 -5.47 -30.00
C MET B 256 -7.22 -4.09 -30.35
N CYS B 257 -7.67 -3.57 -31.47
CA CYS B 257 -7.26 -2.27 -31.93
C CYS B 257 -5.73 -2.06 -31.97
N CYS B 258 -5.05 -3.17 -32.21
CA CYS B 258 -3.63 -3.20 -32.30
C CYS B 258 -3.02 -2.57 -33.55
N GLU B 259 -1.96 -1.82 -33.34
CA GLU B 259 -1.28 -1.16 -34.43
C GLU B 259 0.23 -1.11 -34.20
N PHE B 260 0.96 -1.35 -35.28
CA PHE B 260 2.40 -1.36 -35.23
C PHE B 260 3.08 -0.40 -36.19
N ASN B 261 4.20 0.16 -35.77
CA ASN B 261 4.92 1.08 -36.62
C ASN B 261 6.41 0.78 -36.81
N GLY B 262 6.93 1.17 -37.95
CA GLY B 262 8.32 0.95 -38.26
C GLY B 262 8.77 -0.43 -38.69
N LEU B 263 8.35 -0.84 -39.87
CA LEU B 263 8.72 -2.15 -40.39
C LEU B 263 10.23 -2.22 -40.62
N ARG B 264 10.77 -3.38 -40.34
CA ARG B 264 12.19 -3.63 -40.47
C ARG B 264 12.45 -5.08 -40.88
N ASN B 265 13.52 -5.64 -40.35
CA ASN B 265 13.85 -7.02 -40.64
C ASN B 265 13.37 -7.81 -39.44
N ILE B 266 13.18 -9.10 -39.61
CA ILE B 266 12.70 -9.93 -38.51
C ILE B 266 13.60 -10.15 -37.29
N THR B 267 13.03 -9.92 -36.12
CA THR B 267 13.75 -10.08 -34.88
C THR B 267 13.62 -11.51 -34.40
N LEU B 268 14.76 -12.12 -34.09
CA LEU B 268 14.76 -13.49 -33.62
C LEU B 268 15.33 -13.48 -32.21
N PRO B 269 14.45 -13.54 -31.22
CA PRO B 269 14.92 -13.52 -29.84
C PRO B 269 15.39 -14.85 -29.30
N ARG B 270 16.50 -14.83 -28.60
CA ARG B 270 17.03 -16.06 -28.02
C ARG B 270 16.04 -16.40 -26.90
N LEU B 271 15.12 -17.29 -27.22
CA LEU B 271 14.13 -17.68 -26.23
C LEU B 271 14.56 -18.72 -25.20
N GLN B 272 15.68 -19.35 -25.49
CA GLN B 272 16.20 -20.36 -24.58
C GLN B 272 17.67 -20.07 -24.21
N GLY C 1 15.41 50.91 -0.16
CA GLY C 1 14.07 51.06 -0.78
C GLY C 1 12.96 50.68 0.20
N LEU C 2 11.83 50.28 -0.34
CA LEU C 2 10.71 49.89 0.47
C LEU C 2 11.11 49.38 1.84
N PRO C 3 10.75 50.11 2.87
CA PRO C 3 11.08 49.69 4.22
C PRO C 3 10.24 48.50 4.69
N VAL C 4 10.92 47.40 4.95
CA VAL C 4 10.24 46.20 5.40
C VAL C 4 10.84 45.70 6.70
N MET C 5 10.19 44.72 7.29
CA MET C 5 10.67 44.16 8.55
C MET C 5 10.47 42.65 8.62
N ASN C 6 11.55 41.95 8.91
CA ASN C 6 11.47 40.50 9.01
C ASN C 6 10.81 40.01 10.29
N THR C 7 9.66 39.40 10.14
CA THR C 7 8.93 38.87 11.27
C THR C 7 9.33 37.48 11.68
N PRO C 8 8.76 36.99 12.76
CA PRO C 8 9.10 35.66 13.22
C PRO C 8 8.89 34.66 12.10
N GLY C 9 9.82 33.74 11.96
CA GLY C 9 9.72 32.74 10.91
C GLY C 9 10.55 32.89 9.65
N SER C 10 11.34 33.96 9.60
CA SER C 10 12.17 34.20 8.44
C SER C 10 13.32 33.18 8.44
N ASN C 11 13.39 32.43 7.35
CA ASN C 11 14.41 31.43 7.20
C ASN C 11 14.10 30.08 7.84
N GLN C 12 12.83 29.82 8.04
CA GLN C 12 12.45 28.55 8.65
C GLN C 12 11.95 27.64 7.54
N TYR C 13 12.65 26.54 7.34
CA TYR C 13 12.22 25.61 6.30
C TYR C 13 11.12 24.67 6.76
N LEU C 14 9.92 24.92 6.27
CA LEU C 14 8.78 24.10 6.62
C LEU C 14 8.54 23.09 5.51
N THR C 15 8.83 21.84 5.81
CA THR C 15 8.64 20.78 4.85
C THR C 15 7.23 20.75 4.28
N ALA C 16 6.32 21.36 5.01
CA ALA C 16 4.94 21.41 4.58
C ALA C 16 4.47 22.75 4.06
N ASP C 17 5.41 23.61 3.71
CA ASP C 17 5.05 24.92 3.20
C ASP C 17 4.39 24.87 1.81
N ASN C 18 4.35 26.01 1.18
CA ASN C 18 3.78 26.12 -0.13
C ASN C 18 4.19 27.50 -0.65
N PHE C 19 5.47 27.63 -0.98
CA PHE C 19 5.96 28.89 -1.48
C PHE C 19 6.57 28.64 -2.86
N GLN C 20 6.62 29.69 -3.66
CA GLN C 20 7.18 29.60 -4.99
C GLN C 20 8.67 29.75 -4.89
N SER C 21 9.38 29.25 -5.88
CA SER C 21 10.84 29.34 -5.87
C SER C 21 11.40 29.46 -7.27
N PRO C 22 12.70 29.58 -7.40
CA PRO C 22 13.26 29.69 -8.77
C PRO C 22 13.34 28.40 -9.58
N CYS C 23 13.43 28.57 -10.89
CA CYS C 23 13.53 27.43 -11.79
C CYS C 23 14.94 27.02 -12.21
N ALA C 24 15.27 25.78 -11.94
CA ALA C 24 16.57 25.27 -12.29
C ALA C 24 16.80 24.85 -13.72
N LEU C 25 15.77 24.98 -14.55
CA LEU C 25 15.91 24.61 -15.95
C LEU C 25 15.06 25.49 -16.87
N PRO C 26 15.33 26.78 -16.82
CA PRO C 26 14.58 27.72 -17.64
C PRO C 26 14.08 27.32 -19.02
N GLU C 27 12.82 27.64 -19.27
CA GLU C 27 12.19 27.35 -20.53
C GLU C 27 12.15 25.92 -21.02
N PHE C 28 12.23 24.98 -20.09
CA PHE C 28 12.21 23.58 -20.44
C PHE C 28 10.84 23.29 -21.04
N ASP C 29 10.84 22.53 -22.12
CA ASP C 29 9.59 22.19 -22.78
C ASP C 29 9.06 20.92 -22.10
N VAL C 30 7.99 21.09 -21.35
CA VAL C 30 7.39 19.98 -20.66
C VAL C 30 6.68 19.16 -21.72
N THR C 31 6.90 17.87 -21.71
CA THR C 31 6.27 16.99 -22.68
C THR C 31 4.80 16.93 -22.34
N PRO C 32 3.95 17.18 -23.33
CA PRO C 32 2.52 17.15 -23.07
C PRO C 32 2.03 15.82 -22.54
N PRO C 33 1.10 15.87 -21.60
CA PRO C 33 0.56 14.64 -21.03
C PRO C 33 -0.55 14.01 -21.89
N ILE C 34 -0.46 12.70 -22.03
CA ILE C 34 -1.45 11.98 -22.80
C ILE C 34 -2.62 11.57 -21.92
N ASP C 35 -3.54 10.82 -22.49
CA ASP C 35 -4.68 10.38 -21.73
C ASP C 35 -4.40 8.88 -21.45
N ILE C 36 -3.85 8.66 -20.27
CA ILE C 36 -3.52 7.36 -19.81
C ILE C 36 -4.83 6.99 -19.15
N PRO C 37 -5.30 5.78 -19.40
CA PRO C 37 -6.57 5.38 -18.79
C PRO C 37 -6.48 4.98 -17.32
N GLY C 38 -7.26 5.67 -16.51
CA GLY C 38 -7.28 5.40 -15.09
C GLY C 38 -6.55 6.39 -14.19
N GLU C 39 -7.08 7.60 -14.13
CA GLU C 39 -6.49 8.64 -13.33
C GLU C 39 -7.21 8.76 -11.99
N VAL C 40 -6.44 8.75 -10.92
CA VAL C 40 -7.02 8.86 -9.59
C VAL C 40 -7.01 10.31 -9.19
N LYS C 41 -8.06 10.72 -8.49
CA LYS C 41 -8.16 12.10 -8.03
C LYS C 41 -7.96 12.25 -6.52
N ASN C 42 -8.46 11.29 -5.78
CA ASN C 42 -8.35 11.32 -4.34
C ASN C 42 -8.23 9.95 -3.68
N MET C 43 -7.33 9.86 -2.73
CA MET C 43 -7.11 8.63 -2.00
C MET C 43 -8.36 7.91 -1.55
N MET C 44 -9.41 8.66 -1.28
CA MET C 44 -10.66 8.05 -0.85
C MET C 44 -11.30 7.13 -1.87
N GLU C 45 -11.03 7.39 -3.14
CA GLU C 45 -11.59 6.55 -4.18
C GLU C 45 -11.01 5.15 -4.08
N LEU C 46 -9.71 5.08 -3.87
CA LEU C 46 -9.06 3.79 -3.74
C LEU C 46 -9.68 3.06 -2.54
N ALA C 47 -9.97 3.84 -1.52
CA ALA C 47 -10.56 3.31 -0.31
C ALA C 47 -11.97 2.76 -0.54
N GLU C 48 -12.59 3.18 -1.62
CA GLU C 48 -13.93 2.70 -1.93
C GLU C 48 -13.94 1.44 -2.78
N ILE C 49 -12.77 0.82 -2.90
CA ILE C 49 -12.64 -0.38 -3.68
C ILE C 49 -12.52 -1.54 -2.68
N ASP C 50 -13.26 -2.59 -2.96
CA ASP C 50 -13.26 -3.76 -2.11
C ASP C 50 -11.97 -4.55 -1.97
N THR C 51 -11.61 -4.85 -0.74
CA THR C 51 -10.41 -5.60 -0.46
C THR C 51 -10.64 -6.73 0.56
N MET C 52 -10.11 -7.89 0.22
CA MET C 52 -10.22 -9.05 1.04
C MET C 52 -9.49 -9.04 2.40
N ILE C 53 -10.28 -8.97 3.45
CA ILE C 53 -9.78 -8.96 4.79
C ILE C 53 -9.20 -10.27 5.25
N PRO C 54 -7.99 -10.24 5.79
CA PRO C 54 -7.39 -11.49 6.26
C PRO C 54 -7.87 -11.83 7.67
N PHE C 55 -9.07 -12.40 7.73
CA PHE C 55 -9.65 -12.77 9.02
C PHE C 55 -8.98 -13.75 9.95
N ASP C 56 -8.35 -14.77 9.39
CA ASP C 56 -7.70 -15.76 10.24
C ASP C 56 -6.18 -15.61 10.28
N LEU C 57 -5.71 -14.97 11.33
CA LEU C 57 -4.28 -14.75 11.48
C LEU C 57 -3.73 -15.59 12.62
N SER C 58 -4.06 -16.86 12.61
CA SER C 58 -3.59 -17.76 13.65
C SER C 58 -2.12 -18.15 13.43
N ALA C 59 -1.48 -18.51 14.52
CA ALA C 59 -0.10 -18.91 14.48
C ALA C 59 0.46 -19.54 13.18
N THR C 60 -0.20 -20.61 12.78
CA THR C 60 0.20 -21.32 11.59
C THR C 60 -0.39 -20.73 10.30
N LYS C 61 -1.56 -20.16 10.43
CA LYS C 61 -2.22 -19.58 9.28
C LYS C 61 -1.81 -18.18 8.82
N LYS C 62 -1.13 -17.47 9.71
CA LYS C 62 -0.68 -16.12 9.37
C LYS C 62 0.43 -16.11 8.30
N ASN C 63 0.33 -15.13 7.43
CA ASN C 63 1.30 -14.97 6.37
C ASN C 63 1.39 -16.16 5.39
N THR C 64 0.23 -16.73 5.13
CA THR C 64 0.10 -17.85 4.24
C THR C 64 -1.32 -17.87 3.73
N MET C 65 -1.52 -18.41 2.55
CA MET C 65 -2.89 -18.46 2.00
C MET C 65 -4.11 -18.63 2.92
N GLU C 66 -3.94 -19.50 3.90
CA GLU C 66 -5.00 -19.76 4.85
C GLU C 66 -5.60 -18.56 5.57
N MET C 67 -4.89 -17.45 5.52
CA MET C 67 -5.35 -16.24 6.17
C MET C 67 -6.62 -15.55 5.69
N TYR C 68 -6.98 -15.80 4.45
CA TYR C 68 -8.18 -15.18 3.91
C TYR C 68 -9.40 -16.09 3.75
N ARG C 69 -9.30 -17.27 4.32
CA ARG C 69 -10.37 -18.24 4.24
C ARG C 69 -11.05 -18.57 5.56
N VAL C 70 -12.26 -18.07 5.73
CA VAL C 70 -12.98 -18.34 6.97
C VAL C 70 -13.74 -19.63 6.71
N ARG C 71 -13.37 -20.66 7.45
CA ARG C 71 -14.03 -21.95 7.28
C ARG C 71 -15.32 -22.31 8.06
N LEU C 72 -16.39 -22.44 7.29
CA LEU C 72 -17.67 -22.77 7.82
C LEU C 72 -17.78 -24.28 7.73
N SER C 73 -18.89 -24.82 8.22
CA SER C 73 -19.10 -26.25 8.18
C SER C 73 -20.58 -26.70 8.20
N ASP C 74 -20.74 -28.01 8.24
CA ASP C 74 -22.06 -28.60 8.28
C ASP C 74 -22.39 -29.19 9.65
N LYS C 75 -21.75 -28.64 10.66
CA LYS C 75 -21.98 -29.11 12.02
C LYS C 75 -23.31 -28.57 12.51
N PRO C 76 -23.87 -29.21 13.51
CA PRO C 76 -25.18 -28.72 14.02
C PRO C 76 -25.18 -27.31 14.65
N HIS C 77 -26.32 -26.66 14.51
CA HIS C 77 -26.47 -25.31 15.05
C HIS C 77 -26.10 -24.91 16.48
N THR C 78 -25.15 -23.99 16.57
CA THR C 78 -24.71 -23.51 17.86
C THR C 78 -24.76 -21.98 17.90
N ASP C 79 -24.66 -21.44 19.10
CA ASP C 79 -24.69 -20.00 19.26
C ASP C 79 -23.30 -19.40 19.52
N ASP C 80 -22.32 -19.96 18.82
CA ASP C 80 -20.96 -19.50 18.95
C ASP C 80 -20.52 -18.74 17.71
N PRO C 81 -19.67 -17.75 17.91
CA PRO C 81 -19.19 -16.96 16.78
C PRO C 81 -18.29 -17.65 15.73
N ILE C 82 -18.51 -17.27 14.49
CA ILE C 82 -17.75 -17.80 13.40
C ILE C 82 -16.51 -16.93 13.29
N LEU C 83 -16.70 -15.63 13.38
CA LEU C 83 -15.58 -14.71 13.29
C LEU C 83 -15.85 -13.41 14.06
N CYS C 84 -14.81 -12.94 14.74
CA CYS C 84 -14.92 -11.72 15.50
C CYS C 84 -14.04 -10.71 14.81
N LEU C 85 -14.23 -9.45 15.12
CA LEU C 85 -13.43 -8.40 14.51
C LEU C 85 -13.73 -7.03 15.10
N SER C 86 -12.72 -6.41 15.66
CA SER C 86 -12.88 -5.09 16.26
C SER C 86 -12.94 -4.05 15.17
N LEU C 87 -13.92 -3.17 15.23
CA LEU C 87 -14.03 -2.13 14.21
C LEU C 87 -13.00 -1.02 14.49
N SER C 88 -11.76 -1.35 14.20
CA SER C 88 -10.67 -0.44 14.40
C SER C 88 -9.95 -0.48 13.06
N PRO C 89 -10.57 0.09 12.04
CA PRO C 89 -9.99 0.08 10.72
C PRO C 89 -8.52 0.43 10.48
N ALA C 90 -7.80 0.58 11.58
CA ALA C 90 -6.39 0.91 11.47
C ALA C 90 -5.54 0.25 12.55
N SER C 91 -6.17 -0.05 13.66
CA SER C 91 -5.44 -0.69 14.76
C SER C 91 -5.54 -2.20 14.95
N ASP C 92 -6.62 -2.77 14.45
CA ASP C 92 -6.83 -4.19 14.57
C ASP C 92 -6.14 -4.95 13.42
N PRO C 93 -5.17 -5.77 13.79
CA PRO C 93 -4.43 -6.55 12.84
C PRO C 93 -5.19 -7.08 11.62
N ARG C 94 -6.47 -7.36 11.84
CA ARG C 94 -7.31 -7.87 10.79
C ARG C 94 -7.72 -6.85 9.76
N LEU C 95 -7.94 -5.62 10.19
CA LEU C 95 -8.32 -4.57 9.25
C LEU C 95 -7.08 -3.83 8.75
N SER C 96 -6.13 -3.67 9.64
CA SER C 96 -4.90 -2.98 9.32
C SER C 96 -4.15 -3.15 8.01
N HIS C 97 -4.33 -4.31 7.40
CA HIS C 97 -3.65 -4.58 6.15
C HIS C 97 -4.47 -4.61 4.85
N THR C 98 -5.67 -4.04 4.93
CA THR C 98 -6.54 -3.99 3.78
C THR C 98 -6.32 -2.62 3.16
N MET C 99 -6.81 -2.45 1.95
CA MET C 99 -6.67 -1.19 1.25
C MET C 99 -7.22 -0.04 2.09
N LEU C 100 -8.43 -0.24 2.60
CA LEU C 100 -9.05 0.78 3.42
C LEU C 100 -8.17 0.99 4.63
N GLY C 101 -7.56 -0.08 5.11
CA GLY C 101 -6.69 0.01 6.26
C GLY C 101 -5.38 0.75 5.96
N GLU C 102 -4.76 0.36 4.87
CA GLU C 102 -3.52 0.97 4.46
C GLU C 102 -3.59 2.45 4.19
N ILE C 103 -4.74 2.91 3.71
CA ILE C 103 -4.89 4.33 3.44
C ILE C 103 -5.06 4.98 4.78
N LEU C 104 -5.71 4.29 5.70
CA LEU C 104 -5.89 4.86 7.03
C LEU C 104 -4.64 5.12 7.84
N ASN C 105 -3.57 4.42 7.51
CA ASN C 105 -2.31 4.61 8.22
C ASN C 105 -1.57 5.88 7.85
N TYR C 106 -2.20 6.67 6.99
CA TYR C 106 -1.64 7.92 6.55
C TYR C 106 -2.50 9.09 7.01
N TYR C 107 -3.35 8.82 7.98
CA TYR C 107 -4.22 9.84 8.52
C TYR C 107 -4.31 9.72 10.03
N THR C 108 -5.01 10.65 10.64
CA THR C 108 -5.14 10.61 12.09
C THR C 108 -6.60 10.44 12.53
N HIS C 109 -7.49 10.84 11.64
CA HIS C 109 -8.91 10.74 11.93
C HIS C 109 -9.70 10.27 10.72
N TRP C 110 -10.33 9.12 10.85
CA TRP C 110 -11.12 8.60 9.74
C TRP C 110 -12.55 8.88 10.13
N ALA C 111 -13.44 8.84 9.15
CA ALA C 111 -14.85 9.09 9.42
C ALA C 111 -15.74 8.56 8.29
N GLY C 112 -16.96 8.23 8.66
CA GLY C 112 -17.91 7.73 7.68
C GLY C 112 -18.31 6.26 7.83
N SER C 113 -19.28 5.86 7.02
CA SER C 113 -19.76 4.50 7.06
C SER C 113 -18.79 3.56 6.36
N LEU C 114 -18.66 2.36 6.90
CA LEU C 114 -17.79 1.36 6.35
C LEU C 114 -18.69 0.20 5.99
N LYS C 115 -18.29 -0.54 4.97
CA LYS C 115 -19.10 -1.69 4.56
C LYS C 115 -18.37 -3.03 4.47
N PHE C 116 -19.04 -4.07 4.95
CA PHE C 116 -18.50 -5.40 4.93
C PHE C 116 -19.32 -6.28 3.98
N THR C 117 -18.63 -6.86 3.03
CA THR C 117 -19.26 -7.71 2.06
C THR C 117 -18.62 -9.10 2.18
N PHE C 118 -19.47 -10.11 2.17
CA PHE C 118 -19.01 -11.47 2.28
C PHE C 118 -19.39 -12.23 1.01
N LEU C 119 -18.52 -13.15 0.62
CA LEU C 119 -18.73 -13.95 -0.54
C LEU C 119 -18.66 -15.40 -0.09
N PHE C 120 -19.69 -16.16 -0.41
CA PHE C 120 -19.72 -17.56 -0.03
C PHE C 120 -19.08 -18.32 -1.16
N CYS C 121 -18.31 -19.32 -0.83
CA CYS C 121 -17.63 -20.09 -1.88
C CYS C 121 -17.82 -21.59 -2.01
N GLY C 122 -18.74 -22.13 -1.23
CA GLY C 122 -19.00 -23.55 -1.27
C GLY C 122 -19.77 -24.02 -2.50
N SER C 123 -20.19 -25.27 -2.47
CA SER C 123 -20.92 -25.83 -3.59
C SER C 123 -22.21 -25.05 -3.88
N MET C 124 -22.75 -25.30 -5.05
CA MET C 124 -23.96 -24.64 -5.48
C MET C 124 -25.10 -25.29 -4.66
N MET C 125 -24.93 -26.58 -4.41
CA MET C 125 -25.89 -27.33 -3.67
C MET C 125 -26.05 -26.99 -2.19
N ALA C 126 -24.98 -26.50 -1.60
CA ALA C 126 -25.03 -26.14 -0.19
C ALA C 126 -25.75 -24.82 0.01
N THR C 127 -26.46 -24.72 1.13
CA THR C 127 -27.20 -23.50 1.42
C THR C 127 -27.24 -23.13 2.92
N GLY C 128 -27.69 -21.91 3.17
CA GLY C 128 -27.79 -21.42 4.52
C GLY C 128 -28.09 -19.92 4.73
N LYS C 129 -28.02 -19.52 5.99
CA LYS C 129 -28.25 -18.18 6.38
C LYS C 129 -27.30 -17.85 7.55
N LEU C 130 -26.45 -16.87 7.31
CA LEU C 130 -25.50 -16.44 8.30
C LEU C 130 -25.85 -15.05 8.78
N LEU C 131 -25.67 -14.81 10.06
CA LEU C 131 -25.97 -13.50 10.63
C LEU C 131 -24.68 -12.67 10.83
N VAL C 132 -24.66 -11.53 10.16
CA VAL C 132 -23.54 -10.64 10.24
C VAL C 132 -24.00 -9.48 11.13
N SER C 133 -23.28 -9.27 12.22
CA SER C 133 -23.62 -8.22 13.14
C SER C 133 -22.63 -7.09 13.54
N TYR C 134 -23.22 -5.95 13.81
CA TYR C 134 -22.50 -4.78 14.21
C TYR C 134 -23.09 -4.17 15.47
N ALA C 135 -22.32 -4.25 16.55
CA ALA C 135 -22.73 -3.72 17.81
C ALA C 135 -21.88 -2.51 18.06
N PRO C 136 -22.50 -1.37 18.30
CA PRO C 136 -21.72 -0.16 18.56
C PRO C 136 -21.01 -0.46 19.87
N PRO C 137 -19.88 0.18 20.10
CA PRO C 137 -19.15 -0.10 21.34
C PRO C 137 -19.71 0.38 22.68
N GLY C 138 -19.22 -0.23 23.74
CA GLY C 138 -19.67 0.14 25.07
C GLY C 138 -20.49 -0.83 25.89
N ALA C 139 -20.27 -2.11 25.65
CA ALA C 139 -20.99 -3.15 26.37
C ALA C 139 -20.13 -4.35 26.13
N ASP C 140 -20.48 -5.47 26.75
CA ASP C 140 -19.67 -6.68 26.54
C ASP C 140 -19.71 -7.02 25.08
N PRO C 141 -18.56 -7.36 24.52
CA PRO C 141 -18.53 -7.72 23.10
C PRO C 141 -19.40 -8.96 22.99
N PRO C 142 -20.35 -8.95 22.09
CA PRO C 142 -21.21 -10.13 21.95
C PRO C 142 -20.52 -11.48 21.77
N LYS C 143 -20.96 -12.44 22.56
CA LYS C 143 -20.40 -13.78 22.49
C LYS C 143 -21.38 -14.93 22.17
N LYS C 144 -22.66 -14.61 22.30
CA LYS C 144 -23.69 -15.57 22.02
C LYS C 144 -24.57 -14.92 20.97
N ARG C 145 -25.13 -15.74 20.10
CA ARG C 145 -25.98 -15.23 19.05
C ARG C 145 -26.95 -14.21 19.65
N LYS C 146 -27.64 -14.63 20.70
CA LYS C 146 -28.59 -13.73 21.34
C LYS C 146 -28.26 -12.25 21.36
N GLU C 147 -27.10 -11.94 21.92
CA GLU C 147 -26.66 -10.57 22.01
C GLU C 147 -26.29 -9.83 20.74
N ALA C 148 -25.63 -10.53 19.85
CA ALA C 148 -25.23 -9.93 18.59
C ALA C 148 -26.61 -9.54 18.02
N MET C 149 -27.50 -10.52 18.03
CA MET C 149 -28.83 -10.35 17.55
C MET C 149 -29.46 -9.01 17.84
N LEU C 150 -29.38 -8.58 19.09
CA LEU C 150 -29.96 -7.30 19.46
C LEU C 150 -29.48 -6.07 18.74
N GLY C 151 -28.23 -6.10 18.29
CA GLY C 151 -27.68 -4.96 17.57
C GLY C 151 -27.91 -4.91 16.07
N THR C 152 -27.26 -3.97 15.41
CA THR C 152 -27.40 -3.82 13.98
C THR C 152 -26.85 -5.01 13.18
N HIS C 153 -27.75 -5.76 12.58
CA HIS C 153 -27.35 -6.92 11.81
C HIS C 153 -28.22 -7.25 10.59
N VAL C 154 -27.64 -7.98 9.66
CA VAL C 154 -28.34 -8.37 8.46
C VAL C 154 -28.27 -9.89 8.41
N ILE C 155 -29.41 -10.51 8.15
CA ILE C 155 -29.46 -11.95 8.06
C ILE C 155 -29.34 -12.23 6.57
N TRP C 156 -28.22 -12.81 6.19
CA TRP C 156 -27.94 -13.12 4.82
C TRP C 156 -28.78 -14.36 4.48
N ASP C 157 -28.59 -14.83 3.26
CA ASP C 157 -29.28 -15.99 2.77
C ASP C 157 -28.51 -16.39 1.51
N ILE C 158 -27.86 -17.54 1.58
CA ILE C 158 -27.08 -18.04 0.47
C ILE C 158 -27.91 -18.53 -0.70
N GLY C 159 -27.53 -18.09 -1.88
CA GLY C 159 -28.25 -18.51 -3.08
C GLY C 159 -27.64 -18.29 -4.47
N LEU C 160 -28.43 -17.71 -5.35
CA LEU C 160 -28.01 -17.43 -6.70
C LEU C 160 -27.22 -16.11 -6.74
N GLN C 161 -27.39 -15.33 -5.68
CA GLN C 161 -26.72 -14.07 -5.56
C GLN C 161 -25.67 -14.50 -4.53
N SER C 162 -24.45 -14.65 -5.01
CA SER C 162 -23.35 -15.06 -4.17
C SER C 162 -22.81 -14.20 -3.07
N SER C 163 -23.08 -12.92 -3.12
CA SER C 163 -22.59 -12.02 -2.08
C SER C 163 -23.58 -11.15 -1.30
N CYS C 164 -23.28 -11.01 -0.01
CA CYS C 164 -24.13 -10.22 0.86
C CYS C 164 -23.33 -9.04 1.43
N THR C 165 -23.95 -7.88 1.40
CA THR C 165 -23.33 -6.68 1.89
C THR C 165 -24.03 -6.11 3.11
N MET C 166 -23.25 -5.80 4.12
CA MET C 166 -23.77 -5.24 5.34
C MET C 166 -23.11 -3.88 5.43
N VAL C 167 -23.89 -2.87 5.76
CA VAL C 167 -23.35 -1.53 5.88
C VAL C 167 -23.24 -1.40 7.38
N VAL C 168 -22.22 -0.68 7.83
CA VAL C 168 -22.02 -0.48 9.25
C VAL C 168 -22.16 1.02 9.27
N PRO C 169 -23.31 1.51 9.71
CA PRO C 169 -23.51 2.94 9.76
C PRO C 169 -22.60 3.68 10.74
N TRP C 170 -22.29 4.92 10.40
CA TRP C 170 -21.45 5.75 11.20
C TRP C 170 -22.20 6.24 12.45
N ILE C 171 -22.02 5.51 13.53
CA ILE C 171 -22.67 5.86 14.78
C ILE C 171 -21.54 6.04 15.78
N SER C 172 -21.19 7.28 16.05
CA SER C 172 -20.11 7.53 17.00
C SER C 172 -20.20 8.88 17.71
N ASN C 173 -19.63 8.93 18.90
CA ASN C 173 -19.65 10.14 19.69
C ASN C 173 -18.96 11.37 19.11
N THR C 174 -17.71 11.21 18.75
CA THR C 174 -16.93 12.29 18.19
C THR C 174 -17.31 12.49 16.73
N THR C 175 -16.54 13.30 16.03
CA THR C 175 -16.82 13.56 14.64
C THR C 175 -15.74 13.00 13.68
N TYR C 176 -14.97 12.08 14.22
CA TYR C 176 -13.92 11.40 13.55
C TYR C 176 -13.27 10.63 14.68
N ARG C 177 -12.78 9.43 14.38
CA ARG C 177 -12.14 8.63 15.41
C ARG C 177 -10.63 8.53 15.25
N GLN C 178 -9.94 8.35 16.36
CA GLN C 178 -8.50 8.22 16.32
C GLN C 178 -8.15 6.99 15.50
N THR C 179 -7.21 7.13 14.60
CA THR C 179 -6.82 6.01 13.76
C THR C 179 -5.94 4.98 14.48
N ILE C 180 -5.84 5.14 15.78
CA ILE C 180 -5.04 4.24 16.59
C ILE C 180 -5.91 3.52 17.64
N ASP C 181 -5.27 2.65 18.39
CA ASP C 181 -5.98 1.90 19.42
C ASP C 181 -6.31 2.88 20.55
N ASP C 182 -7.56 3.28 20.58
CA ASP C 182 -8.02 4.20 21.60
C ASP C 182 -9.41 3.80 22.11
N SER C 183 -9.55 3.85 23.42
CA SER C 183 -10.79 3.50 24.05
C SER C 183 -11.83 4.57 23.83
N PHE C 184 -11.54 5.79 24.26
CA PHE C 184 -12.51 6.86 24.07
C PHE C 184 -13.20 6.81 22.69
N THR C 185 -12.37 6.75 21.67
CA THR C 185 -12.87 6.70 20.31
C THR C 185 -12.77 5.30 19.73
N GLU C 186 -13.40 4.35 20.42
CA GLU C 186 -13.35 2.97 19.91
C GLU C 186 -14.42 2.83 18.84
N GLY C 187 -14.33 1.76 18.07
CA GLY C 187 -15.29 1.54 17.00
C GLY C 187 -16.47 0.60 17.12
N GLY C 188 -16.26 -0.52 17.77
CA GLY C 188 -17.32 -1.50 17.93
C GLY C 188 -16.87 -2.91 17.60
N TYR C 189 -17.82 -3.76 17.24
CA TYR C 189 -17.51 -5.13 16.91
C TYR C 189 -18.36 -5.62 15.74
N ILE C 190 -17.77 -6.46 14.92
CA ILE C 190 -18.47 -7.01 13.78
C ILE C 190 -18.42 -8.48 14.16
N SER C 191 -19.48 -9.19 13.82
CA SER C 191 -19.53 -10.62 14.14
C SER C 191 -20.42 -11.43 13.19
N VAL C 192 -20.05 -12.68 13.01
CA VAL C 192 -20.80 -13.55 12.13
C VAL C 192 -21.24 -14.82 12.85
N PHE C 193 -22.53 -15.10 12.79
CA PHE C 193 -23.07 -16.29 13.43
C PHE C 193 -24.00 -17.07 12.53
N TYR C 194 -23.97 -18.39 12.65
CA TYR C 194 -24.85 -19.21 11.82
C TYR C 194 -26.27 -18.97 12.26
N GLN C 195 -27.10 -18.46 11.36
CA GLN C 195 -28.49 -18.21 11.70
C GLN C 195 -29.27 -19.54 11.72
N THR C 196 -28.90 -20.41 10.80
CA THR C 196 -29.49 -21.71 10.66
C THR C 196 -28.22 -22.52 10.79
N ARG C 197 -27.86 -23.22 9.73
CA ARG C 197 -26.64 -24.00 9.74
C ARG C 197 -26.41 -24.19 8.26
N ILE C 198 -25.19 -24.54 7.88
CA ILE C 198 -24.92 -24.75 6.46
C ILE C 198 -25.19 -26.23 6.18
N VAL C 199 -26.18 -26.44 5.32
CA VAL C 199 -26.57 -27.78 4.96
C VAL C 199 -26.03 -28.17 3.58
N VAL C 200 -25.62 -29.42 3.47
CA VAL C 200 -25.10 -29.93 2.22
C VAL C 200 -25.71 -31.29 1.94
N PRO C 201 -25.93 -31.58 0.67
CA PRO C 201 -26.50 -32.87 0.31
C PRO C 201 -25.37 -33.87 0.32
N LEU C 202 -25.68 -35.12 0.04
CA LEU C 202 -24.64 -36.15 0.03
C LEU C 202 -23.66 -36.02 -1.14
N SER C 203 -22.42 -36.36 -0.86
CA SER C 203 -21.38 -36.29 -1.88
C SER C 203 -21.12 -34.82 -2.29
N THR C 204 -20.84 -34.03 -1.26
CA THR C 204 -20.57 -32.64 -1.42
C THR C 204 -19.58 -32.34 -0.33
N PRO C 205 -18.64 -31.45 -0.62
CA PRO C 205 -17.66 -31.09 0.39
C PRO C 205 -18.35 -30.56 1.65
N ARG C 206 -18.01 -31.19 2.77
CA ARG C 206 -18.61 -30.80 4.03
C ARG C 206 -18.13 -29.49 4.67
N GLU C 207 -17.02 -28.99 4.17
CA GLU C 207 -16.46 -27.76 4.68
C GLU C 207 -16.00 -26.76 3.61
N MET C 208 -16.83 -25.77 3.39
CA MET C 208 -16.61 -24.73 2.44
C MET C 208 -16.25 -23.41 3.11
N ASP C 209 -15.56 -22.56 2.37
CA ASP C 209 -15.16 -21.27 2.96
C ASP C 209 -15.65 -19.93 2.39
N ILE C 210 -15.63 -18.93 3.23
CA ILE C 210 -16.06 -17.60 2.84
C ILE C 210 -14.90 -16.60 2.77
N LEU C 211 -15.13 -15.53 2.03
CA LEU C 211 -14.12 -14.51 1.87
C LEU C 211 -14.76 -13.18 2.23
N GLY C 212 -14.04 -12.36 2.97
CA GLY C 212 -14.57 -11.06 3.36
C GLY C 212 -13.96 -9.83 2.74
N PHE C 213 -14.80 -8.85 2.45
CA PHE C 213 -14.32 -7.61 1.85
C PHE C 213 -14.78 -6.35 2.56
N VAL C 214 -13.86 -5.41 2.71
CA VAL C 214 -14.18 -4.16 3.38
C VAL C 214 -13.90 -3.02 2.39
N SER C 215 -14.46 -1.87 2.70
CA SER C 215 -14.28 -0.70 1.87
C SER C 215 -15.10 0.48 2.43
N ALA C 216 -14.84 1.65 1.86
CA ALA C 216 -15.51 2.85 2.28
C ALA C 216 -16.73 3.13 1.43
N CYS C 217 -17.66 3.87 2.00
CA CYS C 217 -18.88 4.24 1.31
C CYS C 217 -18.63 5.63 0.83
N ASN C 218 -19.58 6.22 0.13
CA ASN C 218 -19.38 7.59 -0.36
C ASN C 218 -19.16 8.71 0.66
N ASP C 219 -19.52 8.44 1.90
CA ASP C 219 -19.34 9.46 2.93
C ASP C 219 -18.07 9.37 3.78
N PHE C 220 -17.17 8.49 3.37
CA PHE C 220 -15.94 8.31 4.08
C PHE C 220 -14.89 9.34 3.74
N SER C 221 -14.20 9.82 4.76
CA SER C 221 -13.16 10.82 4.58
C SER C 221 -12.17 10.76 5.74
N VAL C 222 -10.94 11.17 5.46
CA VAL C 222 -9.90 11.16 6.46
C VAL C 222 -9.23 12.52 6.60
N ARG C 223 -8.35 12.65 7.57
CA ARG C 223 -7.66 13.93 7.74
C ARG C 223 -6.33 13.89 8.55
N LEU C 224 -5.61 14.99 8.45
CA LEU C 224 -4.35 15.17 9.10
C LEU C 224 -3.33 14.06 8.83
N LEU C 225 -2.63 14.21 7.73
CA LEU C 225 -1.63 13.26 7.32
C LEU C 225 -0.49 12.98 8.29
N ARG C 226 -0.10 11.72 8.39
CA ARG C 226 0.98 11.36 9.29
C ARG C 226 1.75 10.28 8.63
N ASP C 227 2.90 9.91 9.16
CA ASP C 227 3.70 8.85 8.54
C ASP C 227 3.17 7.50 8.98
N THR C 228 3.52 6.47 8.25
CA THR C 228 3.04 5.14 8.61
C THR C 228 3.94 4.15 9.39
N THR C 229 3.29 3.32 10.16
CA THR C 229 3.97 2.33 10.95
C THR C 229 4.17 1.04 10.16
N HIS C 230 3.61 1.03 8.97
CA HIS C 230 3.73 -0.15 8.13
C HIS C 230 4.93 -0.31 7.17
N ILE C 231 6.08 0.08 7.68
CA ILE C 231 7.30 0.02 6.96
C ILE C 231 8.44 0.68 7.78
N GLU C 232 9.60 0.06 7.69
CA GLU C 232 10.76 0.57 8.40
C GLU C 232 12.09 0.15 7.76
N GLN C 233 12.98 1.11 7.66
CA GLN C 233 14.29 0.84 7.09
C GLN C 233 15.36 0.87 8.15
N LYS C 234 15.69 -0.32 8.66
CA LYS C 234 16.74 -0.38 9.69
C LYS C 234 18.15 -0.03 9.14
N ALA C 235 18.56 1.16 9.51
CA ALA C 235 19.82 1.70 9.10
C ALA C 235 19.86 2.21 7.63
C1 MYR D 1 -1.14 42.20 -11.19
O1 MYR D 1 -0.66 41.68 -10.15
C2 MYR D 1 -0.82 43.66 -11.48
C3 MYR D 1 -1.13 44.54 -10.27
C4 MYR D 1 0.15 44.83 -9.52
C5 MYR D 1 0.23 44.00 -8.24
C6 MYR D 1 1.48 44.33 -7.45
C7 MYR D 1 2.51 43.21 -7.56
C8 MYR D 1 3.48 43.23 -6.39
C9 MYR D 1 4.91 43.51 -6.83
C10 MYR D 1 5.40 42.47 -7.84
C11 MYR D 1 6.42 43.09 -8.80
C12 MYR D 1 6.68 42.27 -10.06
C13 MYR D 1 7.74 41.17 -9.89
C14 MYR D 1 8.98 41.35 -10.77
N GLY D 2 -1.67 41.66 -12.22
CA GLY D 2 -2.06 40.28 -12.66
C GLY D 2 -2.06 39.34 -11.46
N ALA D 3 -2.94 39.64 -10.53
CA ALA D 3 -3.07 38.86 -9.33
C ALA D 3 -4.12 37.73 -9.41
N GLN D 4 -4.09 36.89 -8.38
CA GLN D 4 -5.00 35.79 -8.29
C GLN D 4 -5.70 35.85 -6.90
N VAL D 5 -6.83 36.53 -6.92
CA VAL D 5 -7.62 36.69 -5.73
C VAL D 5 -8.65 35.58 -5.72
N SER D 6 -8.51 34.69 -4.74
CA SER D 6 -9.41 33.58 -4.60
C SER D 6 -10.01 33.62 -3.19
N SER D 7 -10.77 32.59 -2.88
CA SER D 7 -11.41 32.52 -1.57
C SER D 7 -10.79 31.41 -0.70
N GLN D 8 -11.00 31.53 0.60
CA GLN D 8 -10.48 30.55 1.52
C GLN D 8 -11.69 29.97 2.20
N LYS D 9 -11.70 28.67 2.41
CA LYS D 9 -12.83 28.05 3.09
C LYS D 9 -12.52 28.29 4.57
N VAL D 10 -13.38 29.07 5.19
CA VAL D 10 -13.20 29.39 6.59
C VAL D 10 -13.63 28.31 7.63
N GLY D 11 -12.68 28.03 8.50
CA GLY D 11 -12.90 27.07 9.55
C GLY D 11 -13.31 27.83 10.78
N ALA D 12 -12.46 27.83 11.80
CA ALA D 12 -12.80 28.55 13.02
C ALA D 12 -13.03 30.03 12.73
N HIS D 13 -14.24 30.49 13.03
CA HIS D 13 -14.59 31.86 12.79
C HIS D 13 -14.40 32.73 14.05
N GLU D 14 -13.58 33.75 13.92
CA GLU D 14 -13.32 34.65 15.02
C GLU D 14 -14.69 35.22 15.31
N ASN D 15 -14.74 36.15 16.26
CA ASN D 15 -16.01 36.76 16.61
C ASN D 15 -16.28 37.96 15.70
N SER D 16 -15.61 37.97 14.57
CA SER D 16 -15.77 39.06 13.62
C SER D 16 -16.50 38.76 12.29
N ASN D 17 -17.02 39.82 11.71
CA ASN D 17 -17.73 39.70 10.46
C ASN D 17 -17.78 40.98 9.61
N ARG D 18 -17.13 42.01 10.12
CA ARG D 18 -17.10 43.28 9.39
C ARG D 18 -15.58 43.40 9.05
N ALA D 19 -15.02 42.25 8.81
CA ALA D 19 -13.63 42.12 8.47
C ALA D 19 -13.34 40.62 8.27
N TYR D 20 -13.32 39.92 9.38
CA TYR D 20 -13.06 38.50 9.36
C TYR D 20 -14.38 37.70 9.31
N GLY D 21 -14.39 36.62 10.06
CA GLY D 21 -15.55 35.77 10.13
C GLY D 21 -16.51 35.63 8.95
N GLY D 22 -17.48 36.52 8.91
CA GLY D 22 -18.47 36.50 7.86
C GLY D 22 -18.11 36.73 6.38
N SER D 23 -18.04 37.99 6.01
CA SER D 23 -17.72 38.35 4.66
C SER D 23 -16.59 37.57 3.98
N THR D 24 -16.97 36.51 3.29
CA THR D 24 -16.00 35.68 2.61
C THR D 24 -14.51 36.10 2.48
N ILE D 25 -13.70 35.40 3.25
CA ILE D 25 -12.27 35.70 3.25
C ILE D 25 -11.48 35.29 1.99
N ASN D 26 -10.87 36.30 1.39
CA ASN D 26 -10.09 36.08 0.19
C ASN D 26 -8.59 36.23 0.36
N TYR D 27 -7.85 35.62 -0.54
CA TYR D 27 -6.40 35.72 -0.45
C TYR D 27 -5.88 36.08 -1.84
N THR D 28 -4.76 36.78 -1.87
CA THR D 28 -4.17 37.19 -3.13
C THR D 28 -2.87 36.44 -3.41
N THR D 29 -2.68 36.09 -4.67
CA THR D 29 -1.50 35.39 -5.08
C THR D 29 -1.02 36.02 -6.39
N ILE D 30 0.28 36.07 -6.56
CA ILE D 30 0.85 36.64 -7.76
C ILE D 30 2.01 35.72 -8.08
N ASN D 31 1.99 35.16 -9.27
CA ASN D 31 3.06 34.26 -9.68
C ASN D 31 4.30 35.08 -9.91
N TYR D 32 5.39 34.71 -9.29
CA TYR D 32 6.61 35.50 -9.48
C TYR D 32 7.62 35.12 -10.56
N TYR D 33 7.52 33.88 -11.01
CA TYR D 33 8.44 33.41 -12.03
C TYR D 33 7.81 33.16 -13.39
N ARG D 34 8.64 32.93 -14.38
CA ARG D 34 8.17 32.67 -15.72
C ARG D 34 7.80 31.22 -16.03
N ASP D 35 8.36 30.31 -15.25
CA ASP D 35 8.08 28.90 -15.48
C ASP D 35 6.96 28.30 -14.62
N SER D 36 6.02 27.65 -15.30
CA SER D 36 4.91 27.03 -14.62
C SER D 36 5.41 26.19 -13.43
N ALA D 37 6.47 25.46 -13.69
CA ALA D 37 7.09 24.62 -12.73
C ALA D 37 7.40 25.28 -11.40
N SER D 38 7.39 26.60 -11.40
CA SER D 38 7.68 27.34 -10.20
C SER D 38 6.55 27.84 -9.29
N ASN D 39 5.34 27.82 -9.83
CA ASN D 39 4.19 28.26 -9.06
C ASN D 39 3.87 27.33 -7.91
N ALA D 40 3.18 27.85 -6.92
CA ALA D 40 2.80 27.05 -5.77
C ALA D 40 1.46 26.40 -6.09
N ALA D 41 1.32 25.14 -5.70
CA ALA D 41 0.09 24.42 -5.96
C ALA D 41 -1.16 25.06 -5.38
N SER D 42 -2.12 25.31 -6.26
CA SER D 42 -3.36 25.93 -5.84
C SER D 42 -4.21 25.14 -4.86
N LYS D 43 -4.12 23.83 -4.96
CA LYS D 43 -4.88 22.95 -4.08
C LYS D 43 -6.39 23.02 -4.38
N GLN D 44 -6.74 23.83 -5.36
CA GLN D 44 -8.11 24.00 -5.74
C GLN D 44 -8.52 22.97 -6.83
N ASP D 45 -8.19 21.73 -6.51
CA ASP D 45 -8.44 20.61 -7.35
C ASP D 45 -9.85 19.99 -7.41
N PHE D 46 -10.15 19.38 -8.54
CA PHE D 46 -11.43 18.75 -8.72
C PHE D 46 -11.50 17.34 -8.15
N SER D 47 -12.68 16.75 -8.25
CA SER D 47 -12.91 15.42 -7.75
C SER D 47 -13.71 14.72 -8.85
N GLN D 48 -13.75 13.40 -8.78
CA GLN D 48 -14.49 12.64 -9.78
C GLN D 48 -15.28 11.56 -9.04
N ASP D 49 -15.90 10.69 -9.81
CA ASP D 49 -16.67 9.62 -9.20
C ASP D 49 -15.88 8.33 -9.33
N PRO D 50 -15.76 7.62 -8.22
CA PRO D 50 -15.02 6.37 -8.22
C PRO D 50 -15.50 5.28 -9.18
N SER D 51 -16.54 5.59 -9.92
CA SER D 51 -17.09 4.66 -10.88
C SER D 51 -16.11 4.02 -11.82
N LYS D 52 -15.07 4.77 -12.18
CA LYS D 52 -14.07 4.20 -13.08
C LYS D 52 -13.29 3.07 -12.40
N PHE D 53 -13.55 2.93 -11.11
CA PHE D 53 -12.90 1.89 -10.34
C PHE D 53 -13.88 0.94 -9.66
N THR D 54 -14.87 1.53 -9.00
CA THR D 54 -15.87 0.77 -8.31
C THR D 54 -16.92 0.04 -9.14
N GLU D 55 -17.39 0.71 -10.16
CA GLU D 55 -18.38 0.16 -11.05
C GLU D 55 -17.77 0.11 -12.44
N PRO D 56 -16.90 -0.87 -12.66
CA PRO D 56 -16.29 -0.96 -13.98
C PRO D 56 -17.06 -1.89 -14.89
N ILE D 57 -18.29 -2.19 -14.50
CA ILE D 57 -19.12 -3.08 -15.30
C ILE D 57 -19.77 -2.45 -16.55
N LYS D 58 -19.52 -3.11 -17.67
CA LYS D 58 -20.04 -2.68 -18.93
C LYS D 58 -21.50 -2.24 -18.89
N ASP D 59 -22.36 -3.14 -18.46
CA ASP D 59 -23.77 -2.85 -18.37
C ASP D 59 -24.22 -2.19 -17.06
N VAL D 60 -24.26 -0.88 -17.09
CA VAL D 60 -24.65 -0.09 -15.94
C VAL D 60 -25.42 -0.79 -14.78
N LEU D 61 -24.82 -0.68 -13.62
CA LEU D 61 -25.39 -1.28 -12.43
C LEU D 61 -26.48 -0.45 -11.72
N ILE D 62 -27.61 -1.11 -11.52
CA ILE D 62 -28.73 -0.50 -10.87
C ILE D 62 -28.81 -1.27 -9.54
N LYS D 63 -28.32 -0.63 -8.50
CA LYS D 63 -28.30 -1.23 -7.19
C LYS D 63 -29.50 -1.98 -6.63
N THR D 64 -30.67 -1.42 -6.86
CA THR D 64 -31.89 -2.02 -6.39
C THR D 64 -32.20 -3.45 -6.90
N ALA D 65 -31.81 -3.68 -8.13
CA ALA D 65 -32.03 -4.97 -8.75
C ALA D 65 -31.00 -6.09 -8.54
N PRO D 66 -31.40 -7.31 -8.86
CA PRO D 66 -30.48 -8.43 -8.72
C PRO D 66 -29.28 -8.20 -9.65
N MET D 67 -28.11 -8.24 -9.06
CA MET D 67 -26.89 -7.96 -9.81
C MET D 67 -26.50 -8.89 -10.99
N LEU D 68 -27.10 -10.07 -10.98
CA LEU D 68 -26.86 -11.04 -12.01
C LEU D 68 -28.22 -11.48 -12.60
N ASN D 69 -28.57 -10.84 -13.69
CA ASN D 69 -29.82 -11.13 -14.36
C ASN D 69 -29.52 -11.45 -15.83
N GLN E 1 15.07 3.98 21.25
CA GLN E 1 14.97 3.00 22.39
C GLN E 1 15.15 3.53 23.85
N VAL E 2 14.31 2.97 24.70
CA VAL E 2 14.33 3.32 26.09
C VAL E 2 15.28 2.34 26.83
N GLN E 3 16.04 2.92 27.74
CA GLN E 3 16.97 2.14 28.53
C GLN E 3 16.43 2.10 29.98
N LEU E 4 16.56 0.92 30.55
CA LEU E 4 16.11 0.69 31.90
C LEU E 4 17.30 0.21 32.76
N GLN E 5 17.95 1.20 33.37
CA GLN E 5 19.08 0.92 34.22
C GLN E 5 18.62 0.47 35.60
N GLU E 6 18.70 -0.83 35.84
CA GLU E 6 18.30 -1.38 37.11
C GLU E 6 19.42 -1.43 38.18
N SER E 7 18.99 -1.61 39.40
CA SER E 7 19.86 -1.70 40.52
C SER E 7 18.88 -2.43 41.47
N GLY E 8 19.30 -3.28 42.44
CA GLY E 8 20.65 -3.73 42.84
C GLY E 8 20.39 -4.87 43.83
N GLY E 9 20.54 -6.08 43.33
CA GLY E 9 20.32 -7.25 44.15
C GLY E 9 21.04 -7.70 45.42
N GLY E 10 20.77 -8.95 45.80
CA GLY E 10 21.39 -9.49 46.99
C GLY E 10 20.60 -10.61 47.67
N SER E 11 21.34 -11.55 48.24
CA SER E 11 20.68 -12.68 48.90
C SER E 11 20.49 -12.72 50.44
N VAL E 12 19.78 -11.73 50.93
CA VAL E 12 19.52 -11.65 52.35
C VAL E 12 18.45 -12.70 52.69
N GLN E 13 18.52 -13.20 53.91
CA GLN E 13 17.56 -14.20 54.34
C GLN E 13 16.11 -13.78 54.63
N ALA E 14 15.31 -14.77 54.99
CA ALA E 14 13.91 -14.53 55.30
C ALA E 14 13.45 -13.27 56.08
N GLY E 15 12.31 -12.78 55.63
CA GLY E 15 11.73 -11.60 56.24
C GLY E 15 12.39 -10.26 55.85
N GLY E 16 13.45 -10.38 55.08
CA GLY E 16 14.21 -9.25 54.63
C GLY E 16 13.59 -8.08 53.86
N SER E 17 14.40 -7.05 53.68
CA SER E 17 13.94 -5.86 52.98
C SER E 17 15.04 -5.15 52.17
N LEU E 18 14.91 -5.27 50.86
CA LEU E 18 15.87 -4.66 49.96
C LEU E 18 15.03 -3.83 49.00
N ARG E 19 15.71 -3.24 48.02
CA ARG E 19 15.01 -2.42 47.04
C ARG E 19 15.75 -2.33 45.69
N LEU E 20 14.95 -2.17 44.65
CA LEU E 20 15.46 -2.05 43.31
C LEU E 20 15.07 -0.70 42.69
N SER E 21 16.04 -0.10 42.03
CA SER E 21 15.84 1.18 41.39
C SER E 21 16.08 1.01 39.88
N CYS E 22 15.17 1.59 39.11
CA CYS E 22 15.26 1.50 37.67
C CYS E 22 14.91 2.83 36.96
N ALA E 23 15.90 3.33 36.25
CA ALA E 23 15.79 4.56 35.52
C ALA E 23 15.14 4.58 34.10
N ALA E 24 14.76 5.79 33.73
CA ALA E 24 14.15 6.02 32.46
C ALA E 24 15.19 6.71 31.54
N SER E 25 15.73 5.90 30.65
CA SER E 25 16.73 6.40 29.72
C SER E 25 16.67 5.99 28.19
N GLY E 26 15.48 6.05 27.56
CA GLY E 26 14.21 6.46 28.15
C GLY E 26 13.86 7.95 28.16
N TYR E 27 12.57 8.20 28.35
CA TYR E 27 12.07 9.56 28.38
C TYR E 27 10.82 9.72 29.28
N GLN E 28 10.82 8.91 30.33
CA GLN E 28 9.74 8.91 31.28
C GLN E 28 8.88 10.17 31.39
N TYR E 29 7.63 10.02 31.01
CA TYR E 29 6.72 11.15 31.06
C TYR E 29 5.23 10.79 31.03
N SER E 30 4.86 10.06 29.99
CA SER E 30 3.49 9.66 29.80
C SER E 30 3.49 8.21 29.23
N LEU E 31 4.60 7.92 28.58
CA LEU E 31 4.80 6.65 27.96
C LEU E 31 5.03 5.44 28.86
N LEU E 32 6.29 5.15 29.13
CA LEU E 32 6.64 4.02 29.97
C LEU E 32 5.69 3.50 31.09
N CYS E 33 5.56 2.19 31.09
CA CYS E 33 4.74 1.54 32.09
C CYS E 33 5.71 0.68 32.87
N MET E 34 6.46 1.35 33.76
CA MET E 34 7.43 0.61 34.56
C MET E 34 6.91 -0.57 35.41
N ALA E 35 7.32 -1.75 34.97
CA ALA E 35 6.92 -2.96 35.64
C ALA E 35 8.07 -3.79 36.26
N TRP E 36 7.68 -4.61 37.22
CA TRP E 36 8.63 -5.46 37.89
C TRP E 36 8.38 -6.94 37.58
N PHE E 37 9.44 -7.71 37.67
CA PHE E 37 9.38 -9.12 37.40
C PHE E 37 10.53 -9.82 38.15
N ARG E 38 10.55 -11.13 38.04
CA ARG E 38 11.58 -11.92 38.66
C ARG E 38 11.46 -13.29 37.99
N GLN E 39 12.58 -13.76 37.47
CA GLN E 39 12.57 -15.06 36.81
C GLN E 39 12.79 -16.19 37.83
N VAL E 40 11.70 -16.88 38.12
CA VAL E 40 11.76 -17.97 39.07
C VAL E 40 12.64 -19.00 38.35
N LEU E 41 13.87 -19.07 38.80
CA LEU E 41 14.84 -19.98 38.22
C LEU E 41 14.39 -21.09 37.22
N GLY E 42 14.21 -20.65 36.00
CA GLY E 42 13.80 -21.54 34.94
C GLY E 42 12.37 -22.08 34.96
N GLU E 43 11.55 -21.49 35.82
CA GLU E 43 10.17 -21.93 35.92
C GLU E 43 9.11 -21.14 35.05
N GLY E 44 9.03 -19.79 35.07
CA GLY E 44 9.87 -18.89 35.88
C GLY E 44 10.38 -17.58 35.29
N ARG E 45 9.54 -16.57 35.37
CA ARG E 45 9.87 -15.25 34.86
C ARG E 45 8.54 -14.43 34.93
N GLU E 46 8.06 -14.32 36.16
CA GLU E 46 6.83 -13.62 36.41
C GLU E 46 6.85 -12.09 36.66
N GLY E 47 5.71 -11.48 36.42
CA GLY E 47 5.54 -10.07 36.59
C GLY E 47 5.11 -9.73 38.03
N VAL E 48 5.96 -8.99 38.70
CA VAL E 48 5.69 -8.60 40.07
C VAL E 48 4.66 -7.48 40.30
N ALA E 49 5.10 -6.26 40.11
CA ALA E 49 4.21 -5.12 40.29
C ALA E 49 4.46 -4.13 39.19
N PHE E 50 3.43 -3.33 38.86
CA PHE E 50 3.67 -2.38 37.75
C PHE E 50 3.04 -1.00 37.98
N ILE E 51 3.85 0.02 37.82
CA ILE E 51 3.37 1.38 38.00
C ILE E 51 3.09 2.19 36.71
N THR E 52 2.19 3.14 36.86
CA THR E 52 1.82 4.00 35.77
C THR E 52 2.62 5.29 36.00
N THR E 53 3.34 5.68 34.96
CA THR E 53 4.15 6.87 35.02
C THR E 53 3.34 8.19 35.19
N TYR E 54 2.31 8.30 34.37
CA TYR E 54 1.46 9.44 34.35
C TYR E 54 0.74 9.80 35.63
N ASN E 55 0.28 8.81 36.35
CA ASN E 55 -0.43 9.05 37.60
C ASN E 55 0.16 8.53 38.90
N GLY E 56 0.87 7.42 38.80
CA GLY E 56 1.48 6.81 39.96
C GLY E 56 0.66 5.71 40.58
N ALA E 57 -0.17 5.08 39.77
CA ALA E 57 -1.01 3.99 40.26
C ALA E 57 -0.30 2.63 40.16
N MET E 58 -0.35 1.90 41.25
CA MET E 58 0.29 0.59 41.28
C MET E 58 -0.71 -0.59 41.35
N ARG E 59 -0.23 -1.72 40.85
CA ARG E 59 -0.99 -2.93 40.83
C ARG E 59 0.16 -3.90 41.16
N TYR E 60 -0.22 -5.00 41.78
CA TYR E 60 0.77 -5.99 42.15
C TYR E 60 0.36 -7.40 41.69
N ALA E 61 1.27 -8.33 41.89
CA ALA E 61 1.02 -9.71 41.53
C ALA E 61 0.44 -10.32 42.80
N ASP E 62 -0.50 -11.22 42.60
CA ASP E 62 -1.14 -11.88 43.72
C ASP E 62 -0.17 -12.50 44.76
N THR E 63 1.07 -12.63 44.32
CA THR E 63 2.10 -13.18 45.16
C THR E 63 2.71 -12.08 46.06
N VAL E 64 3.28 -11.10 45.38
CA VAL E 64 3.91 -9.99 46.06
C VAL E 64 3.00 -9.01 46.81
N LYS E 65 1.80 -8.87 46.31
CA LYS E 65 0.85 -7.96 46.91
C LYS E 65 0.90 -7.78 48.45
N GLY E 66 1.19 -6.54 48.83
CA GLY E 66 1.29 -6.19 50.23
C GLY E 66 2.71 -6.01 50.78
N ARG E 67 3.50 -7.05 50.65
CA ARG E 67 4.87 -7.00 51.14
C ARG E 67 5.69 -6.02 50.25
N PHE E 68 5.58 -6.27 48.96
CA PHE E 68 6.25 -5.47 47.98
C PHE E 68 5.37 -4.26 47.62
N THR E 69 6.03 -3.12 47.57
CA THR E 69 5.36 -1.88 47.26
C THR E 69 6.20 -1.24 46.15
N VAL E 70 5.51 -0.73 45.14
CA VAL E 70 6.21 -0.08 44.05
C VAL E 70 6.18 1.42 44.37
N SER E 71 7.34 2.03 44.24
CA SER E 71 7.48 3.44 44.51
C SER E 71 7.92 4.21 43.25
N GLN E 72 7.60 5.48 43.24
CA GLN E 72 7.96 6.30 42.09
C GLN E 72 8.70 7.65 42.33
N ASP E 73 9.80 7.79 41.61
CA ASP E 73 10.60 8.98 41.71
C ASP E 73 10.38 9.71 40.37
N LYS E 74 9.27 10.41 40.31
CA LYS E 74 8.90 11.14 39.11
C LYS E 74 9.95 12.06 38.48
N ASP E 75 10.40 13.01 39.27
CA ASP E 75 11.38 13.96 38.82
C ASP E 75 12.75 13.45 38.42
N LYS E 76 13.20 12.40 39.11
CA LYS E 76 14.53 11.88 38.80
C LYS E 76 14.40 10.49 38.09
N ASN E 77 13.34 10.41 37.30
CA ASN E 77 13.01 9.25 36.55
C ASN E 77 13.26 7.81 37.02
N THR E 78 13.04 7.59 38.30
CA THR E 78 13.25 6.27 38.86
C THR E 78 12.00 5.62 39.53
N VAL E 79 11.88 4.34 39.29
CA VAL E 79 10.79 3.57 39.84
C VAL E 79 11.41 2.49 40.76
N TYR E 80 10.99 2.54 42.00
CA TYR E 80 11.46 1.61 42.99
C TYR E 80 10.54 0.41 43.30
N LEU E 81 11.11 -0.53 44.03
CA LEU E 81 10.40 -1.72 44.42
C LEU E 81 10.88 -2.12 45.82
N GLN E 82 10.17 -1.62 46.81
CA GLN E 82 10.51 -1.94 48.18
C GLN E 82 10.12 -3.43 48.42
N MET E 83 11.14 -4.25 48.28
CA MET E 83 11.02 -5.66 48.44
C MET E 83 11.02 -6.09 49.91
N ASN E 84 9.86 -6.05 50.50
CA ASN E 84 9.74 -6.44 51.91
C ASN E 84 9.38 -7.89 52.25
N SER E 85 9.72 -8.27 53.46
CA SER E 85 9.46 -9.62 53.93
C SER E 85 10.06 -10.73 53.02
N LEU E 86 11.25 -10.42 52.54
CA LEU E 86 11.97 -11.30 51.68
C LEU E 86 12.13 -12.70 52.27
N LYS E 87 11.40 -13.64 51.70
CA LYS E 87 11.47 -15.01 52.17
C LYS E 87 12.18 -15.88 51.16
N PRO E 88 12.85 -16.91 51.62
CA PRO E 88 13.56 -17.80 50.72
C PRO E 88 13.12 -17.92 49.25
N GLU E 89 11.82 -17.90 49.05
CA GLU E 89 11.29 -18.02 47.70
C GLU E 89 11.29 -16.72 46.86
N ASP E 90 11.88 -15.70 47.45
CA ASP E 90 11.98 -14.41 46.80
C ASP E 90 13.40 -14.45 46.12
N THR E 91 13.69 -15.63 45.62
CA THR E 91 14.91 -15.91 44.95
C THR E 91 14.59 -16.02 43.44
N ALA E 92 15.00 -14.98 42.73
CA ALA E 92 14.77 -14.94 41.30
C ALA E 92 15.38 -13.69 40.66
N ILE E 93 15.79 -13.85 39.41
CA ILE E 93 16.38 -12.71 38.70
C ILE E 93 15.36 -11.60 38.35
N TYR E 94 15.41 -10.56 39.16
CA TYR E 94 14.51 -9.44 38.96
C TYR E 94 14.53 -8.62 37.68
N TYR E 95 13.36 -8.19 37.26
CA TYR E 95 13.24 -7.40 36.05
C TYR E 95 12.54 -6.03 36.10
N CYS E 96 12.81 -5.25 35.07
CA CYS E 96 12.26 -3.93 34.94
C CYS E 96 11.94 -3.63 33.46
N ALA E 97 10.68 -3.83 33.12
CA ALA E 97 10.24 -3.57 31.77
C ALA E 97 9.37 -2.32 31.77
N ALA E 98 9.34 -1.67 30.62
CA ALA E 98 8.55 -0.46 30.47
C ALA E 98 8.12 -0.33 29.01
N GLY E 99 6.82 -0.28 28.82
CA GLY E 99 6.27 -0.15 27.48
C GLY E 99 5.91 1.31 27.23
N ARG E 100 4.79 1.50 26.55
CA ARG E 100 4.32 2.83 26.25
C ARG E 100 3.06 3.00 27.07
N TRP E 101 1.98 3.40 26.43
CA TRP E 101 0.73 3.60 27.16
C TRP E 101 -0.52 3.96 26.33
N ARG E 102 -1.66 3.90 27.00
CA ARG E 102 -2.91 4.22 26.36
C ARG E 102 -3.28 5.48 27.13
N PHE E 103 -3.59 6.52 26.38
CA PHE E 103 -3.95 7.78 27.03
C PHE E 103 -5.18 7.69 27.97
N GLY E 104 -4.89 7.29 29.18
CA GLY E 104 -5.90 7.13 30.19
C GLY E 104 -6.11 5.73 30.74
N ASP E 105 -5.62 4.75 30.01
CA ASP E 105 -5.75 3.37 30.44
C ASP E 105 -4.59 3.11 31.42
N ILE E 106 -4.93 2.42 32.48
CA ILE E 106 -3.98 2.08 33.50
C ILE E 106 -2.93 1.03 33.11
N CYS E 107 -1.71 1.27 33.55
CA CYS E 107 -0.62 0.35 33.25
C CYS E 107 -0.70 -1.04 33.95
N HIS E 108 -1.11 -2.00 33.15
CA HIS E 108 -1.25 -3.35 33.61
C HIS E 108 -0.34 -4.34 32.89
N GLU E 109 -0.27 -5.54 33.43
CA GLU E 109 0.57 -6.57 32.81
C GLU E 109 0.20 -7.01 31.39
N GLY E 110 -1.09 -7.09 31.15
CA GLY E 110 -1.58 -7.49 29.85
C GLY E 110 -1.26 -6.38 28.86
N SER E 111 -0.98 -5.21 29.40
CA SER E 111 -0.66 -4.07 28.57
C SER E 111 0.78 -4.04 28.00
N GLY E 112 1.72 -3.70 28.86
CA GLY E 112 3.10 -3.63 28.45
C GLY E 112 3.76 -4.98 28.16
N TYR E 113 5.12 -5.04 28.05
CA TYR E 113 6.08 -3.90 28.19
C TYR E 113 7.21 -3.97 27.14
N ASN E 114 7.15 -3.06 26.19
CA ASN E 114 8.12 -2.99 25.14
C ASN E 114 9.63 -3.19 25.42
N TYR E 115 10.14 -2.32 26.26
CA TYR E 115 11.55 -2.38 26.61
C TYR E 115 11.95 -3.23 27.81
N TRP E 116 13.20 -3.65 27.79
CA TRP E 116 13.73 -4.46 28.87
C TRP E 116 14.83 -3.92 29.81
N GLY E 117 14.73 -4.36 31.05
CA GLY E 117 15.69 -3.95 32.05
C GLY E 117 16.93 -4.85 32.07
N GLN E 118 17.83 -4.53 32.97
CA GLN E 118 19.06 -5.28 33.10
C GLN E 118 18.86 -6.72 33.61
N GLY E 119 17.96 -6.85 34.57
CA GLY E 119 17.68 -8.13 35.16
C GLY E 119 18.55 -8.42 36.38
N THR E 120 18.65 -7.42 37.24
CA THR E 120 19.45 -7.56 38.43
C THR E 120 18.79 -8.53 39.45
N GLN E 121 19.50 -9.61 39.70
CA GLN E 121 19.00 -10.61 40.62
C GLN E 121 19.08 -10.41 42.17
N VAL E 122 17.93 -10.66 42.77
CA VAL E 122 17.79 -10.55 44.20
C VAL E 122 17.37 -11.99 44.63
N THR E 123 18.11 -12.49 45.59
CA THR E 123 17.88 -13.79 46.12
C THR E 123 17.63 -13.64 47.63
N VAL E 124 16.80 -14.54 48.14
CA VAL E 124 16.48 -14.52 49.56
C VAL E 124 17.02 -15.85 50.04
N SER E 125 18.06 -15.77 50.86
CA SER E 125 18.67 -16.98 51.40
C SER E 125 17.67 -17.67 52.39
N SER E 126 17.92 -18.96 52.52
CA SER E 126 17.12 -19.78 53.38
C SER E 126 17.79 -20.21 54.72
N HIS E 127 16.95 -20.73 55.59
CA HIS E 127 17.40 -21.17 56.88
C HIS E 127 17.39 -22.72 56.98
C1 PLM F . 10.12 7.25 -12.01
O1 PLM F . 9.50 6.57 -11.15
O2 PLM F . 10.09 6.97 -13.23
C2 PLM F . 10.94 8.43 -11.57
C3 PLM F . 10.13 9.46 -10.78
C4 PLM F . 11.04 10.35 -9.94
C5 PLM F . 11.25 11.72 -10.58
C6 PLM F . 12.58 12.32 -10.16
C7 PLM F . 13.01 13.34 -11.19
C8 PLM F . 14.44 13.78 -10.95
C9 PLM F . 14.83 14.84 -11.97
CA PLM F . 16.27 15.30 -11.78
CB PLM F . 16.37 16.19 -10.56
CC PLM F . 16.63 17.65 -10.93
CD PLM F . 17.24 18.32 -9.72
CE PLM F . 18.07 19.55 -10.04
CF PLM F . 19.05 19.74 -8.90
CG PLM F . 20.14 20.75 -9.21
#